data_5RLT
#
_entry.id   5RLT
#
_cell.length_a   59.012
_cell.length_b   70.286
_cell.length_c   85.452
_cell.angle_alpha   102.690
_cell.angle_beta   96.400
_cell.angle_gamma   112.440
#
_symmetry.space_group_name_H-M   'P 1'
#
loop_
_entity.id
_entity.type
_entity.pdbx_description
1 polymer Helicase
2 non-polymer 'ZINC ION'
3 non-polymer 'PHOSPHATE ION'
4 non-polymer 3-(2-methyl-1H-benzimidazol-1-yl)propanamide
5 water water
#
_entity_poly.entity_id   1
_entity_poly.type   'polypeptide(L)'
_entity_poly.pdbx_seq_one_letter_code
;AVGACVLCNSQTSLRCGACIRRPFLCCKCCYDHVISTSHKLVLSVNPYVCNAPGCDVTDVTQLYLGGMSYYCKSHKPPIS
FPLCANGQVFGLYKNTCVGSDNVTDFNAIATCDWTNAGDYILANTCTERLKLFAAETLKATEETFKLSYGIATVREVLSD
RELHLSWEVGKPRPPLNRNYVFTGYRVTKNSKVQIGEYTFEKGDYGDAVVYRGTTTYKLNVGDYFVLTSHTVMPLSAPTL
VPQEHYVRITGLYPTLNISDEFSSNVANYQKVGMQKYSTLQGPPGTGKSHFAIGLALYYPSARIVYTACSHAAVDALCEK
ALKYLPIDKCSRIIPARARVECFDKFKVNSTLEQYVFCTVNALPETTADIVVFDEISMATNYDLSVVNARLRAKHYVYIG
DPAQLPAPRTLLTKGTLEPEYFNSVCRLMKTIGPDMFLGTCRRCPAEIVDTVSALVYDNKLKAHKDKSAQCFKMFYKGVI
THDVSSAINRPQIGVVREFLTRNPAWRKAVFISPYNSQNAVASKILGLPTQTVDSSQGSEYDYVIFTQTTETAHSCNVNR
FNVAITRAKVGILCIMSDRDLYDKLQFTSLEIPRRNVATLQ
;
_entity_poly.pdbx_strand_id   A,B
#
# COMPACT_ATOMS: atom_id res chain seq x y z
N ALA A 1 16.53 19.48 -12.49
CA ALA A 1 17.54 19.67 -11.45
C ALA A 1 17.14 20.68 -10.37
N VAL A 2 15.86 21.06 -10.29
CA VAL A 2 15.39 22.03 -9.30
C VAL A 2 15.22 21.36 -7.96
N GLY A 3 15.80 21.96 -6.92
CA GLY A 3 15.67 21.44 -5.58
C GLY A 3 16.36 22.25 -4.51
N ALA A 4 16.16 21.88 -3.24
CA ALA A 4 16.76 22.61 -2.13
C ALA A 4 17.89 21.84 -1.47
N CYS A 5 18.89 22.61 -0.98
CA CYS A 5 20.09 22.12 -0.31
C CYS A 5 19.76 21.35 0.97
N VAL A 6 20.32 20.13 1.11
CA VAL A 6 20.10 19.32 2.30
C VAL A 6 20.83 19.84 3.54
N LEU A 7 21.61 20.92 3.44
CA LEU A 7 22.36 21.45 4.59
C LEU A 7 21.92 22.83 5.06
N CYS A 8 21.59 23.74 4.12
CA CYS A 8 21.16 25.07 4.53
C CYS A 8 19.89 25.55 3.78
N ASN A 9 19.31 24.70 2.88
CA ASN A 9 18.03 24.89 2.15
C ASN A 9 18.13 25.79 0.92
N SER A 10 19.24 26.55 0.78
CA SER A 10 19.48 27.47 -0.34
C SER A 10 19.31 26.76 -1.69
N GLN A 11 18.14 26.94 -2.37
CA GLN A 11 17.79 26.30 -3.65
C GLN A 11 18.95 26.24 -4.65
N THR A 12 19.16 25.09 -5.31
CA THR A 12 20.29 24.91 -6.25
C THR A 12 20.05 23.91 -7.39
N SER A 13 20.83 24.11 -8.48
CA SER A 13 20.94 23.26 -9.65
C SER A 13 21.84 22.04 -9.33
N LEU A 14 22.79 22.20 -8.38
CA LEU A 14 23.79 21.22 -7.96
C LEU A 14 23.28 20.06 -7.09
N ARG A 15 23.81 18.86 -7.34
CA ARG A 15 23.62 17.60 -6.63
C ARG A 15 24.99 16.91 -6.56
N CYS A 16 25.28 16.14 -5.49
CA CYS A 16 26.54 15.40 -5.44
C CYS A 16 26.44 14.08 -6.18
N GLY A 17 27.21 13.94 -7.25
CA GLY A 17 27.23 12.75 -8.08
C GLY A 17 27.92 11.57 -7.43
N ALA A 18 28.83 11.83 -6.48
CA ALA A 18 29.58 10.79 -5.78
C ALA A 18 28.86 10.22 -4.54
N CYS A 19 27.85 10.97 -4.01
CA CYS A 19 26.99 10.58 -2.90
C CYS A 19 25.99 9.58 -3.42
N ILE A 20 25.79 8.45 -2.72
CA ILE A 20 24.88 7.38 -3.12
C ILE A 20 23.38 7.87 -3.12
N ARG A 21 23.06 8.93 -2.37
CA ARG A 21 21.71 9.49 -2.36
C ARG A 21 21.54 10.74 -3.28
N ARG A 22 22.66 11.30 -3.80
CA ARG A 22 22.76 12.46 -4.69
C ARG A 22 22.04 13.69 -4.15
N PRO A 23 22.44 14.15 -2.96
CA PRO A 23 21.75 15.30 -2.35
C PRO A 23 21.93 16.63 -3.07
N PHE A 24 20.88 17.47 -3.04
CA PHE A 24 20.99 18.81 -3.59
C PHE A 24 21.91 19.62 -2.62
N LEU A 25 22.96 20.22 -3.18
CA LEU A 25 23.91 21.02 -2.39
C LEU A 25 23.96 22.41 -2.99
N CYS A 26 23.98 23.44 -2.15
CA CYS A 26 24.04 24.82 -2.63
C CYS A 26 25.44 25.18 -3.09
N CYS A 27 25.59 26.22 -3.92
CA CYS A 27 26.90 26.70 -4.40
C CYS A 27 27.98 26.72 -3.27
N LYS A 28 27.60 27.23 -2.07
CA LYS A 28 28.49 27.32 -0.92
C LYS A 28 28.81 25.97 -0.26
N CYS A 29 27.79 25.19 0.08
CA CYS A 29 28.01 23.94 0.78
C CYS A 29 28.53 22.79 -0.14
N CYS A 30 28.22 22.86 -1.45
CA CYS A 30 28.74 21.93 -2.47
C CYS A 30 30.25 22.02 -2.55
N TYR A 31 30.79 23.25 -2.54
CA TYR A 31 32.24 23.48 -2.56
C TYR A 31 32.83 22.91 -1.28
N ASP A 32 32.24 23.30 -0.14
CA ASP A 32 32.67 22.88 1.18
C ASP A 32 32.69 21.35 1.35
N HIS A 33 31.99 20.63 0.47
CA HIS A 33 31.96 19.17 0.42
C HIS A 33 33.06 18.63 -0.53
N VAL A 34 33.09 19.09 -1.80
CA VAL A 34 34.03 18.60 -2.81
C VAL A 34 35.49 18.90 -2.46
N ILE A 35 35.75 20.01 -1.75
CA ILE A 35 37.13 20.35 -1.40
C ILE A 35 37.65 19.59 -0.15
N SER A 36 36.77 18.91 0.57
CA SER A 36 37.17 18.22 1.80
C SER A 36 37.05 16.68 1.73
N THR A 37 36.38 16.15 0.69
CA THR A 37 36.19 14.71 0.52
C THR A 37 36.69 14.23 -0.86
N SER A 38 36.74 12.89 -1.06
CA SER A 38 37.04 12.28 -2.35
C SER A 38 35.88 12.47 -3.37
N HIS A 39 34.75 13.09 -2.94
CA HIS A 39 33.59 13.33 -3.78
C HIS A 39 33.82 14.56 -4.64
N LYS A 40 34.02 14.38 -5.97
CA LYS A 40 34.25 15.52 -6.87
C LYS A 40 33.28 15.58 -8.04
N LEU A 41 32.47 14.51 -8.28
CA LEU A 41 31.53 14.57 -9.40
C LEU A 41 30.33 15.36 -8.96
N VAL A 42 30.10 16.52 -9.60
CA VAL A 42 28.97 17.40 -9.29
C VAL A 42 27.96 17.28 -10.45
N LEU A 43 26.69 16.97 -10.14
CA LEU A 43 25.65 16.84 -11.15
C LEU A 43 24.76 18.09 -11.14
N SER A 44 24.26 18.49 -12.32
CA SER A 44 23.33 19.63 -12.50
C SER A 44 22.30 19.14 -13.56
N VAL A 45 21.77 20.02 -14.46
CA VAL A 45 20.88 19.59 -15.55
C VAL A 45 21.69 18.63 -16.45
N ASN A 46 22.91 19.08 -16.76
CA ASN A 46 24.03 18.49 -17.47
C ASN A 46 25.14 18.34 -16.38
N PRO A 47 25.83 17.20 -16.34
CA PRO A 47 26.86 17.01 -15.30
C PRO A 47 28.06 17.93 -15.46
N TYR A 48 28.82 18.09 -14.39
CA TYR A 48 30.01 18.92 -14.42
C TYR A 48 31.16 18.03 -14.84
N VAL A 49 31.34 17.97 -16.15
CA VAL A 49 32.30 17.15 -16.85
C VAL A 49 32.83 17.91 -18.09
N CYS A 50 34.13 17.74 -18.41
CA CYS A 50 34.72 18.41 -19.56
C CYS A 50 34.00 18.11 -20.86
N ASN A 51 33.45 19.17 -21.47
CA ASN A 51 32.69 19.15 -22.72
C ASN A 51 33.56 18.91 -23.96
N ALA A 52 34.89 19.01 -23.84
CA ALA A 52 35.77 18.74 -24.97
C ALA A 52 35.67 17.26 -25.33
N PRO A 53 35.48 16.96 -26.63
CA PRO A 53 35.32 15.55 -27.06
C PRO A 53 36.36 14.55 -26.55
N GLY A 54 35.88 13.47 -25.94
CA GLY A 54 36.75 12.41 -25.46
C GLY A 54 37.55 12.74 -24.22
N CYS A 55 37.16 13.79 -23.48
CA CYS A 55 37.87 14.14 -22.26
C CYS A 55 37.18 13.60 -21.04
N ASP A 56 37.95 12.83 -20.25
CA ASP A 56 37.46 12.19 -19.03
C ASP A 56 37.66 12.99 -17.74
N VAL A 57 37.80 14.33 -17.81
CA VAL A 57 37.92 15.14 -16.58
C VAL A 57 36.52 15.37 -16.00
N THR A 58 36.22 14.72 -14.83
CA THR A 58 34.95 14.81 -14.11
C THR A 58 35.06 15.48 -12.72
N ASP A 59 36.30 15.71 -12.24
CA ASP A 59 36.60 16.36 -10.97
C ASP A 59 36.23 17.81 -11.13
N VAL A 60 35.28 18.29 -10.32
CA VAL A 60 34.78 19.66 -10.38
C VAL A 60 35.89 20.73 -10.05
N THR A 61 36.92 20.35 -9.27
CA THR A 61 38.04 21.26 -8.92
C THR A 61 39.00 21.50 -10.10
N GLN A 62 39.00 20.57 -11.07
CA GLN A 62 39.78 20.60 -12.30
C GLN A 62 38.95 21.14 -13.47
N LEU A 63 37.79 21.79 -13.22
CA LEU A 63 36.92 22.31 -14.28
C LEU A 63 36.64 23.83 -14.18
N TYR A 64 36.31 24.43 -15.34
CA TYR A 64 36.11 25.86 -15.59
C TYR A 64 34.85 26.10 -16.44
N LEU A 65 34.38 27.38 -16.53
CA LEU A 65 33.21 27.81 -17.33
C LEU A 65 33.57 28.53 -18.68
N GLY A 66 33.39 27.81 -19.79
CA GLY A 66 33.62 28.29 -21.16
C GLY A 66 32.39 28.98 -21.70
N GLY A 67 32.09 30.13 -21.12
CA GLY A 67 30.89 30.88 -21.44
C GLY A 67 29.70 30.29 -20.71
N MET A 68 29.10 29.25 -21.29
CA MET A 68 27.98 28.55 -20.66
C MET A 68 28.24 27.02 -20.53
N SER A 69 29.31 26.52 -21.20
CA SER A 69 29.79 25.13 -21.21
C SER A 69 30.89 24.91 -20.11
N TYR A 70 31.31 23.65 -19.89
CA TYR A 70 32.32 23.36 -18.86
C TYR A 70 33.48 22.62 -19.50
N TYR A 71 34.74 22.99 -19.17
CA TYR A 71 35.99 22.38 -19.70
C TYR A 71 37.09 22.25 -18.63
N CYS A 72 38.12 21.39 -18.83
CA CYS A 72 39.23 21.24 -17.88
C CYS A 72 40.37 22.27 -18.12
N LYS A 73 41.50 22.19 -17.37
CA LYS A 73 42.63 23.11 -17.54
C LYS A 73 43.26 22.99 -18.96
N SER A 74 43.24 21.77 -19.55
CA SER A 74 43.80 21.46 -20.89
C SER A 74 42.90 21.87 -22.07
N HIS A 75 41.57 22.03 -21.85
CA HIS A 75 40.65 22.38 -22.93
C HIS A 75 39.90 23.68 -22.76
N LYS A 76 40.01 24.33 -21.61
CA LYS A 76 39.27 25.56 -21.36
C LYS A 76 39.57 26.66 -22.38
N PRO A 77 38.59 27.53 -22.69
CA PRO A 77 38.87 28.65 -23.60
C PRO A 77 39.65 29.76 -22.86
N PRO A 78 40.31 30.68 -23.58
CA PRO A 78 41.06 31.76 -22.89
C PRO A 78 40.27 32.49 -21.80
N ILE A 79 38.97 32.72 -22.04
CA ILE A 79 38.13 33.41 -21.07
C ILE A 79 37.24 32.38 -20.35
N SER A 80 37.81 31.79 -19.27
CA SER A 80 37.21 30.77 -18.40
C SER A 80 37.46 31.01 -16.90
N PHE A 81 36.38 30.92 -16.15
CA PHE A 81 36.25 31.10 -14.71
C PHE A 81 36.37 29.73 -14.01
N PRO A 82 37.26 29.50 -13.02
CA PRO A 82 37.26 28.17 -12.34
C PRO A 82 35.93 27.88 -11.65
N LEU A 83 35.38 26.68 -11.90
CA LEU A 83 34.12 26.23 -11.30
C LEU A 83 34.22 26.27 -9.77
N CYS A 84 35.39 25.88 -9.26
CA CYS A 84 35.62 25.89 -7.83
C CYS A 84 36.38 27.07 -7.37
N ALA A 85 35.68 28.18 -7.10
CA ALA A 85 36.39 29.36 -6.61
C ALA A 85 35.61 30.17 -5.62
N ASN A 86 36.34 30.86 -4.71
CA ASN A 86 35.78 31.73 -3.67
C ASN A 86 34.76 31.05 -2.78
N GLY A 87 35.02 29.80 -2.45
CA GLY A 87 34.14 29.03 -1.59
C GLY A 87 32.83 28.62 -2.22
N GLN A 88 32.77 28.61 -3.57
CA GLN A 88 31.54 28.25 -4.26
C GLN A 88 31.78 27.39 -5.49
N VAL A 89 30.76 26.58 -5.84
CA VAL A 89 30.71 25.80 -7.08
C VAL A 89 29.66 26.50 -7.92
N PHE A 90 30.02 27.00 -9.11
CA PHE A 90 29.06 27.73 -9.96
C PHE A 90 27.85 26.86 -10.32
N GLY A 91 26.68 27.43 -10.17
CA GLY A 91 25.39 26.82 -10.47
C GLY A 91 24.33 27.90 -10.54
N LEU A 92 23.08 27.59 -10.20
CA LEU A 92 22.04 28.61 -10.22
C LEU A 92 21.70 29.06 -8.79
N TYR A 93 21.05 30.23 -8.67
CA TYR A 93 20.54 30.82 -7.42
C TYR A 93 21.59 31.11 -6.28
N LYS A 94 22.87 31.34 -6.64
CA LYS A 94 23.93 31.65 -5.68
C LYS A 94 23.61 32.87 -4.77
N VAL A 103 30.14 22.15 7.68
CA VAL A 103 29.82 21.03 6.80
C VAL A 103 30.60 19.73 7.16
N THR A 104 31.47 19.78 8.21
CA THR A 104 32.30 18.69 8.75
C THR A 104 31.50 17.38 8.97
N ASP A 105 30.29 17.50 9.55
CA ASP A 105 29.39 16.39 9.83
C ASP A 105 28.76 15.81 8.56
N PHE A 106 28.41 16.65 7.59
CA PHE A 106 27.83 16.18 6.33
C PHE A 106 28.84 15.30 5.59
N ASN A 107 30.10 15.75 5.56
CA ASN A 107 31.19 15.07 4.89
C ASN A 107 31.43 13.69 5.51
N ALA A 108 31.38 13.62 6.84
CA ALA A 108 31.59 12.38 7.55
C ALA A 108 30.45 11.35 7.38
N ILE A 109 29.22 11.82 7.11
CA ILE A 109 28.07 10.92 6.86
C ILE A 109 28.10 10.45 5.39
N ALA A 110 28.39 11.37 4.46
CA ALA A 110 28.46 11.09 3.03
C ALA A 110 29.59 10.13 2.67
N THR A 111 30.70 10.15 3.43
CA THR A 111 31.88 9.32 3.13
C THR A 111 32.11 8.06 3.99
N CYS A 112 31.38 7.91 5.11
CA CYS A 112 31.57 6.76 5.98
C CYS A 112 31.03 5.44 5.39
N ASP A 113 31.56 4.30 5.86
CA ASP A 113 31.16 2.95 5.43
C ASP A 113 30.10 2.29 6.37
N TRP A 114 29.73 2.97 7.49
CA TRP A 114 28.75 2.54 8.49
C TRP A 114 29.20 1.25 9.24
N THR A 115 30.50 0.96 9.26
CA THR A 115 30.98 -0.20 9.99
C THR A 115 31.43 0.21 11.43
N ASN A 116 31.67 1.51 11.69
CA ASN A 116 32.10 2.03 12.99
C ASN A 116 30.92 2.57 13.79
N ALA A 117 31.07 2.60 15.11
CA ALA A 117 30.03 3.10 15.99
C ALA A 117 29.90 4.64 15.90
N GLY A 118 31.02 5.33 15.70
CA GLY A 118 31.08 6.79 15.59
C GLY A 118 30.24 7.35 14.45
N ASP A 119 29.93 6.51 13.45
CA ASP A 119 29.11 6.82 12.28
C ASP A 119 27.63 6.98 12.67
N TYR A 120 27.18 6.10 13.59
CA TYR A 120 25.84 6.04 14.15
C TYR A 120 25.64 7.11 15.21
N ILE A 121 26.74 7.48 15.93
CA ILE A 121 26.74 8.55 16.93
C ILE A 121 26.48 9.84 16.19
N LEU A 122 27.27 10.10 15.14
CA LEU A 122 27.10 11.27 14.29
C LEU A 122 25.72 11.33 13.61
N ALA A 123 25.21 10.19 13.08
CA ALA A 123 23.86 10.13 12.47
C ALA A 123 22.73 10.50 13.46
N ASN A 124 23.06 10.69 14.74
CA ASN A 124 22.08 11.03 15.78
C ASN A 124 22.38 12.34 16.49
N THR A 125 23.65 12.76 16.50
CA THR A 125 24.01 14.04 17.10
C THR A 125 23.97 15.19 16.08
N CYS A 126 23.81 14.90 14.79
CA CYS A 126 23.76 15.91 13.75
C CYS A 126 22.40 16.71 13.74
N THR A 127 22.27 17.71 12.84
CA THR A 127 21.03 18.45 12.69
C THR A 127 19.91 17.50 12.18
N GLU A 128 18.66 17.96 12.25
CA GLU A 128 17.54 17.14 11.84
C GLU A 128 17.55 16.70 10.35
N ARG A 129 17.92 17.59 9.40
CA ARG A 129 17.99 17.15 8.00
C ARG A 129 19.19 16.22 7.76
N LEU A 130 20.28 16.37 8.56
CA LEU A 130 21.41 15.45 8.47
C LEU A 130 21.11 14.09 9.09
N LYS A 131 20.14 14.02 10.03
CA LYS A 131 19.68 12.78 10.60
C LYS A 131 18.93 11.99 9.53
N LEU A 132 18.13 12.68 8.66
CA LEU A 132 17.39 12.02 7.57
C LEU A 132 18.32 11.59 6.44
N PHE A 133 19.32 12.46 6.08
CA PHE A 133 20.33 12.16 5.06
C PHE A 133 21.12 10.94 5.51
N ALA A 134 21.51 10.89 6.81
CA ALA A 134 22.23 9.75 7.40
C ALA A 134 21.38 8.48 7.43
N ALA A 135 20.08 8.61 7.79
CA ALA A 135 19.15 7.49 7.82
C ALA A 135 18.94 6.86 6.42
N GLU A 136 18.85 7.72 5.39
CA GLU A 136 18.67 7.38 3.97
C GLU A 136 19.95 6.69 3.42
N THR A 137 21.13 7.33 3.65
CA THR A 137 22.45 6.88 3.21
C THR A 137 22.79 5.51 3.84
N LEU A 138 22.49 5.36 5.15
CA LEU A 138 22.72 4.13 5.87
C LEU A 138 21.88 3.02 5.28
N LYS A 139 20.55 3.23 5.17
CA LYS A 139 19.67 2.19 4.66
C LYS A 139 20.00 1.76 3.23
N ALA A 140 20.52 2.71 2.42
CA ALA A 140 20.92 2.42 1.04
C ALA A 140 22.21 1.61 1.07
N THR A 141 23.15 1.97 1.96
CA THR A 141 24.41 1.25 2.12
C THR A 141 24.16 -0.19 2.59
N GLU A 142 23.17 -0.40 3.49
CA GLU A 142 22.78 -1.72 4.00
C GLU A 142 22.23 -2.60 2.86
N GLU A 143 21.46 -1.99 1.92
CA GLU A 143 20.84 -2.70 0.81
C GLU A 143 21.80 -3.09 -0.29
N THR A 144 22.64 -2.14 -0.76
CA THR A 144 23.68 -2.46 -1.76
C THR A 144 24.72 -3.49 -1.21
N PHE A 145 24.78 -3.63 0.13
CA PHE A 145 25.64 -4.62 0.75
C PHE A 145 25.09 -6.04 0.56
N LYS A 146 23.77 -6.20 0.26
CA LYS A 146 23.19 -7.53 0.03
C LYS A 146 23.79 -8.15 -1.24
N LEU A 147 24.04 -7.33 -2.27
CA LEU A 147 24.62 -7.78 -3.54
C LEU A 147 25.95 -8.54 -3.37
N SER A 148 26.63 -8.30 -2.23
CA SER A 148 27.93 -8.86 -1.87
C SER A 148 27.98 -10.39 -1.75
N TYR A 149 27.04 -10.99 -1.01
CA TYR A 149 27.03 -12.43 -0.75
C TYR A 149 26.77 -13.35 -1.97
N GLY A 150 27.00 -14.67 -1.80
CA GLY A 150 26.79 -15.69 -2.82
C GLY A 150 25.42 -16.33 -2.80
N ILE A 151 25.02 -16.93 -3.93
CA ILE A 151 23.72 -17.60 -4.14
C ILE A 151 23.70 -19.02 -3.50
N ALA A 152 22.54 -19.49 -3.02
CA ALA A 152 22.42 -20.84 -2.46
C ALA A 152 21.56 -21.75 -3.34
N THR A 153 22.18 -22.73 -4.00
CA THR A 153 21.49 -23.65 -4.88
C THR A 153 21.14 -24.95 -4.12
N VAL A 154 19.85 -25.29 -4.04
CA VAL A 154 19.37 -26.48 -3.33
C VAL A 154 19.98 -27.77 -3.89
N ARG A 155 20.55 -28.59 -3.01
CA ARG A 155 21.17 -29.85 -3.35
C ARG A 155 20.24 -31.04 -3.02
N GLU A 156 19.60 -31.05 -1.83
CA GLU A 156 18.67 -32.13 -1.49
C GLU A 156 17.57 -31.68 -0.51
N VAL A 157 16.36 -32.26 -0.64
CA VAL A 157 15.24 -31.94 0.25
C VAL A 157 15.04 -33.12 1.17
N LEU A 158 15.27 -32.94 2.47
CA LEU A 158 15.12 -34.00 3.46
C LEU A 158 13.63 -34.24 3.75
N SER A 159 12.91 -33.16 4.11
CA SER A 159 11.49 -33.23 4.44
C SER A 159 10.78 -31.89 4.05
N ASP A 160 9.61 -31.62 4.67
CA ASP A 160 8.81 -30.41 4.52
C ASP A 160 9.46 -29.18 5.21
N ARG A 161 10.41 -29.42 6.12
CA ARG A 161 11.08 -28.37 6.86
C ARG A 161 12.60 -28.45 6.75
N GLU A 162 13.20 -29.50 6.11
CA GLU A 162 14.67 -29.60 6.04
C GLU A 162 15.25 -29.75 4.61
N LEU A 163 16.43 -29.12 4.34
CA LEU A 163 17.17 -29.16 3.07
C LEU A 163 18.71 -29.04 3.24
N HIS A 164 19.46 -29.29 2.15
CA HIS A 164 20.92 -29.18 2.06
C HIS A 164 21.27 -28.16 0.95
N LEU A 165 21.98 -27.06 1.27
CA LEU A 165 22.34 -26.01 0.31
C LEU A 165 23.79 -26.05 -0.21
N SER A 166 23.97 -25.69 -1.49
CA SER A 166 25.27 -25.57 -2.14
C SER A 166 25.54 -24.07 -2.36
N TRP A 167 26.67 -23.56 -1.85
CA TRP A 167 26.97 -22.14 -1.91
C TRP A 167 27.86 -21.71 -3.05
N GLU A 168 27.72 -20.44 -3.47
CA GLU A 168 28.49 -19.86 -4.56
C GLU A 168 29.94 -19.70 -4.17
N VAL A 169 30.86 -20.12 -5.07
CA VAL A 169 32.29 -20.04 -4.83
C VAL A 169 32.81 -18.60 -5.08
N GLY A 170 33.80 -18.19 -4.30
CA GLY A 170 34.37 -16.85 -4.43
C GLY A 170 33.66 -15.79 -3.60
N LYS A 171 32.31 -15.85 -3.55
CA LYS A 171 31.50 -14.90 -2.80
C LYS A 171 31.18 -15.42 -1.37
N PRO A 172 31.28 -14.55 -0.35
CA PRO A 172 31.04 -14.99 1.03
C PRO A 172 29.59 -15.38 1.33
N ARG A 173 29.39 -16.19 2.40
CA ARG A 173 28.08 -16.70 2.81
C ARG A 173 27.46 -15.87 3.94
N PRO A 174 26.19 -15.45 3.77
CA PRO A 174 25.54 -14.62 4.81
C PRO A 174 25.17 -15.38 6.08
N PRO A 175 25.05 -14.66 7.21
CA PRO A 175 24.66 -15.33 8.46
C PRO A 175 23.29 -15.95 8.35
N LEU A 176 23.16 -17.22 8.75
CA LEU A 176 21.91 -17.95 8.61
C LEU A 176 21.03 -17.92 9.87
N ASN A 177 20.54 -16.73 10.20
CA ASN A 177 19.60 -16.54 11.30
C ASN A 177 18.25 -16.01 10.73
N ARG A 178 17.15 -16.15 11.49
CA ARG A 178 15.85 -15.63 11.04
C ARG A 178 15.88 -14.12 10.72
N ASN A 179 16.94 -13.41 11.16
CA ASN A 179 17.21 -11.99 10.96
C ASN A 179 17.43 -11.67 9.45
N TYR A 180 17.92 -12.65 8.66
CA TYR A 180 18.19 -12.52 7.22
C TYR A 180 17.09 -13.22 6.41
N VAL A 181 16.17 -12.46 5.81
CA VAL A 181 15.06 -13.08 5.05
C VAL A 181 15.37 -13.13 3.56
N PHE A 182 15.73 -14.32 3.12
CA PHE A 182 16.10 -14.57 1.74
C PHE A 182 14.92 -14.70 0.88
N THR A 183 14.80 -13.84 -0.13
CA THR A 183 13.69 -13.95 -1.06
C THR A 183 14.11 -15.06 -2.04
N GLY A 184 13.34 -16.14 -2.05
CA GLY A 184 13.65 -17.30 -2.86
C GLY A 184 12.83 -17.43 -4.12
N TYR A 185 13.43 -18.09 -5.14
CA TYR A 185 12.82 -18.25 -6.45
C TYR A 185 13.00 -19.68 -7.07
N GLN A 194 9.77 -17.66 -8.81
CA GLN A 194 9.18 -16.73 -7.85
C GLN A 194 8.25 -17.44 -6.86
N ILE A 195 8.76 -17.82 -5.66
CA ILE A 195 7.96 -18.56 -4.66
C ILE A 195 7.77 -17.81 -3.32
N GLY A 196 8.54 -16.75 -3.06
CA GLY A 196 8.38 -15.97 -1.84
C GLY A 196 9.54 -16.00 -0.86
N GLU A 197 9.39 -15.24 0.25
CA GLU A 197 10.37 -15.10 1.31
C GLU A 197 10.61 -16.45 2.01
N TYR A 198 11.86 -16.74 2.38
CA TYR A 198 12.26 -17.99 3.01
C TYR A 198 13.45 -17.70 3.98
N THR A 199 13.42 -18.25 5.22
CA THR A 199 14.52 -18.12 6.20
C THR A 199 15.21 -19.48 6.47
N PHE A 200 16.40 -19.51 7.15
CA PHE A 200 17.15 -20.77 7.41
C PHE A 200 17.82 -20.92 8.83
N GLU A 201 18.07 -22.18 9.28
CA GLU A 201 18.69 -22.52 10.59
C GLU A 201 19.44 -23.88 10.52
N LYS A 202 20.65 -24.00 11.13
CA LYS A 202 21.38 -25.28 11.12
C LYS A 202 20.94 -26.26 12.22
N ASP A 207 25.46 -31.08 8.50
CA ASP A 207 25.07 -30.58 7.19
C ASP A 207 23.54 -30.51 7.03
N ALA A 208 22.76 -30.39 8.13
CA ALA A 208 21.31 -30.34 8.03
C ALA A 208 20.67 -28.97 8.35
N VAL A 209 20.32 -28.20 7.31
CA VAL A 209 19.70 -26.88 7.45
C VAL A 209 18.17 -26.97 7.31
N VAL A 210 17.49 -26.29 8.22
CA VAL A 210 16.04 -26.19 8.32
C VAL A 210 15.56 -24.99 7.45
N TYR A 211 14.64 -25.24 6.50
CA TYR A 211 14.10 -24.19 5.62
C TYR A 211 12.72 -23.67 6.07
N ARG A 212 12.64 -22.36 6.31
CA ARG A 212 11.42 -21.71 6.78
C ARG A 212 10.74 -20.89 5.68
N GLY A 213 9.90 -21.56 4.91
CA GLY A 213 9.15 -20.90 3.85
C GLY A 213 7.91 -20.20 4.34
N THR A 214 7.81 -18.90 4.06
CA THR A 214 6.65 -18.08 4.41
C THR A 214 5.43 -18.58 3.63
N THR A 215 5.63 -18.83 2.33
CA THR A 215 4.62 -19.39 1.44
C THR A 215 4.95 -20.89 1.28
N THR A 216 4.08 -21.78 1.79
CA THR A 216 4.33 -23.21 1.72
C THR A 216 4.33 -23.75 0.31
N TYR A 217 5.47 -24.28 -0.10
CA TYR A 217 5.64 -24.80 -1.43
C TYR A 217 6.67 -25.91 -1.46
N LYS A 218 6.48 -26.87 -2.37
CA LYS A 218 7.37 -28.01 -2.54
C LYS A 218 8.74 -27.53 -3.01
N LEU A 219 9.69 -27.28 -2.08
CA LEU A 219 11.04 -26.78 -2.37
C LEU A 219 11.79 -27.70 -3.32
N ASN A 220 11.79 -27.36 -4.62
CA ASN A 220 12.44 -28.16 -5.66
C ASN A 220 13.97 -28.08 -5.58
N VAL A 221 14.68 -29.19 -5.88
CA VAL A 221 16.15 -29.22 -5.90
C VAL A 221 16.66 -28.41 -7.12
N GLY A 222 17.82 -27.80 -6.97
CA GLY A 222 18.42 -27.00 -8.02
C GLY A 222 18.01 -25.54 -7.95
N ASP A 223 16.86 -25.24 -7.33
CA ASP A 223 16.37 -23.87 -7.20
C ASP A 223 17.38 -22.96 -6.47
N TYR A 224 17.38 -21.67 -6.78
CA TYR A 224 18.34 -20.73 -6.22
C TYR A 224 17.66 -19.73 -5.26
N PHE A 225 18.48 -18.97 -4.49
CA PHE A 225 18.01 -17.91 -3.61
C PHE A 225 18.88 -16.65 -3.78
N VAL A 226 18.28 -15.47 -3.81
CA VAL A 226 19.00 -14.21 -3.94
C VAL A 226 18.41 -13.22 -2.88
N LEU A 227 19.28 -12.48 -2.13
CA LEU A 227 18.85 -11.58 -1.05
C LEU A 227 17.96 -10.39 -1.46
N THR A 228 17.08 -9.99 -0.52
CA THR A 228 16.07 -8.93 -0.62
C THR A 228 16.66 -7.51 -0.76
N SER A 229 17.18 -7.18 -1.95
CA SER A 229 17.74 -5.85 -2.21
C SER A 229 16.67 -4.78 -2.46
N HIS A 230 15.82 -4.46 -1.44
CA HIS A 230 14.75 -3.46 -1.57
C HIS A 230 15.27 -2.03 -1.77
N THR A 231 14.44 -1.18 -2.39
CA THR A 231 14.73 0.21 -2.74
C THR A 231 14.49 1.13 -1.53
N VAL A 232 15.48 2.01 -1.22
CA VAL A 232 15.39 2.97 -0.11
C VAL A 232 14.74 4.20 -0.60
N MET A 233 13.61 4.55 0.00
CA MET A 233 12.86 5.73 -0.39
C MET A 233 13.36 6.97 0.33
N PRO A 234 13.21 8.14 -0.28
CA PRO A 234 13.67 9.36 0.37
C PRO A 234 12.87 9.71 1.62
N LEU A 235 13.53 10.39 2.55
CA LEU A 235 12.91 10.81 3.80
C LEU A 235 12.53 12.25 3.69
N SER A 236 11.26 12.52 3.98
CA SER A 236 10.70 13.85 3.90
C SER A 236 10.51 14.47 5.28
N ALA A 237 9.76 13.77 6.15
CA ALA A 237 9.40 14.20 7.50
C ALA A 237 10.53 14.02 8.53
N PRO A 238 10.58 14.88 9.59
CA PRO A 238 11.62 14.69 10.62
C PRO A 238 11.44 13.43 11.45
N THR A 239 12.50 13.01 12.17
CA THR A 239 12.46 11.86 13.08
C THR A 239 11.49 12.17 14.24
N LEU A 240 11.53 13.42 14.71
CA LEU A 240 10.67 14.00 15.73
C LEU A 240 10.08 15.30 15.22
N VAL A 241 8.74 15.44 15.30
CA VAL A 241 8.11 16.71 14.92
C VAL A 241 8.55 17.80 15.94
N PRO A 242 8.56 19.10 15.58
CA PRO A 242 8.96 20.11 16.57
C PRO A 242 8.01 20.06 17.78
N GLN A 243 8.60 20.02 18.99
CA GLN A 243 7.80 19.91 20.22
C GLN A 243 6.88 21.10 20.43
N GLU A 244 5.69 20.83 20.95
CA GLU A 244 4.72 21.84 21.28
C GLU A 244 4.18 21.53 22.66
N HIS A 245 4.06 22.54 23.50
CA HIS A 245 3.50 22.37 24.82
C HIS A 245 2.20 23.14 24.87
N TYR A 246 1.14 22.53 25.38
CA TYR A 246 -0.19 23.15 25.45
C TYR A 246 -0.61 23.37 26.92
N VAL A 247 -1.41 24.42 27.19
CA VAL A 247 -1.88 24.76 28.55
C VAL A 247 -3.05 23.89 29.05
N ARG A 248 -3.81 23.33 28.12
CA ARG A 248 -4.91 22.44 28.35
C ARG A 248 -4.79 21.26 27.35
N ILE A 249 -5.54 20.18 27.62
CA ILE A 249 -5.58 18.98 26.75
C ILE A 249 -6.21 19.39 25.41
N THR A 250 -5.49 19.18 24.32
CA THR A 250 -5.86 19.63 22.98
C THR A 250 -6.43 18.56 22.02
N GLY A 251 -7.63 18.79 21.52
CA GLY A 251 -8.26 17.87 20.56
C GLY A 251 -8.68 16.51 21.07
N LEU A 252 -8.48 16.30 22.37
CA LEU A 252 -8.82 15.04 23.01
C LEU A 252 -9.85 15.32 24.11
N TYR A 253 -10.80 14.38 24.30
CA TYR A 253 -11.85 14.56 25.31
C TYR A 253 -11.86 13.39 26.31
N PRO A 254 -11.39 13.67 27.56
CA PRO A 254 -11.28 12.61 28.57
C PRO A 254 -12.57 12.15 29.25
N THR A 255 -12.59 10.94 29.86
CA THR A 255 -13.76 10.52 30.66
C THR A 255 -13.53 10.95 32.11
N LEU A 256 -14.63 11.09 32.83
CA LEU A 256 -14.57 11.36 34.26
C LEU A 256 -14.71 10.00 35.00
N ASN A 257 -15.49 9.07 34.41
CA ASN A 257 -15.68 7.69 34.79
C ASN A 257 -14.49 6.99 34.15
N ILE A 258 -13.35 6.98 34.83
CA ILE A 258 -12.15 6.33 34.31
C ILE A 258 -11.78 5.19 35.27
N SER A 259 -11.80 3.93 34.76
CA SER A 259 -11.53 2.68 35.50
C SER A 259 -10.37 2.80 36.50
N ASP A 260 -10.51 2.23 37.70
CA ASP A 260 -9.45 2.31 38.71
C ASP A 260 -8.18 1.52 38.33
N GLU A 261 -8.31 0.59 37.37
CA GLU A 261 -7.26 -0.22 36.76
C GLU A 261 -6.19 0.74 36.16
N PHE A 262 -6.67 1.82 35.48
CA PHE A 262 -5.89 2.84 34.76
C PHE A 262 -5.70 4.16 35.49
N SER A 263 -6.21 4.26 36.71
CA SER A 263 -6.10 5.47 37.53
C SER A 263 -4.68 5.87 37.88
N SER A 264 -3.73 4.91 37.87
CA SER A 264 -2.32 5.22 38.14
C SER A 264 -1.65 5.97 36.97
N ASN A 265 -2.29 5.99 35.78
CA ASN A 265 -1.73 6.67 34.64
C ASN A 265 -2.50 7.92 34.22
N VAL A 266 -3.48 8.40 35.03
CA VAL A 266 -4.32 9.56 34.71
C VAL A 266 -3.49 10.85 34.56
N ALA A 267 -2.54 11.12 35.48
CA ALA A 267 -1.70 12.33 35.39
C ALA A 267 -0.87 12.30 34.09
N ASN A 268 -0.38 11.11 33.70
CA ASN A 268 0.39 10.92 32.49
C ASN A 268 -0.48 10.96 31.22
N TYR A 269 -1.73 10.45 31.24
CA TYR A 269 -2.64 10.57 30.09
C TYR A 269 -2.96 12.04 29.80
N GLN A 270 -2.97 12.88 30.85
CA GLN A 270 -3.17 14.33 30.75
C GLN A 270 -1.91 14.99 30.19
N LYS A 271 -0.70 14.56 30.60
CA LYS A 271 0.59 15.03 30.06
C LYS A 271 0.62 14.79 28.53
N VAL A 272 0.07 13.64 28.08
CA VAL A 272 -0.05 13.24 26.68
C VAL A 272 -0.90 14.25 25.86
N GLY A 273 -1.99 14.75 26.43
CA GLY A 273 -2.84 15.73 25.75
C GLY A 273 -2.33 17.15 25.83
N MET A 274 -1.30 17.40 26.66
CA MET A 274 -0.75 18.74 26.86
C MET A 274 0.63 18.97 26.27
N GLN A 275 1.00 18.16 25.28
CA GLN A 275 2.26 18.16 24.52
C GLN A 275 1.98 17.60 23.11
N LYS A 276 2.76 18.00 22.07
CA LYS A 276 2.62 17.44 20.72
C LYS A 276 3.04 15.97 20.80
N TYR A 277 4.21 15.71 21.40
CA TYR A 277 4.68 14.34 21.59
C TYR A 277 5.19 14.14 23.02
N SER A 278 5.19 12.88 23.48
CA SER A 278 5.72 12.55 24.81
C SER A 278 6.46 11.22 24.81
N THR A 279 7.49 11.09 25.69
CA THR A 279 8.25 9.83 25.81
C THR A 279 7.91 9.11 27.12
N LEU A 280 7.80 7.80 27.03
CA LEU A 280 7.54 6.97 28.20
C LEU A 280 8.63 5.88 28.31
N GLN A 281 9.47 5.92 29.38
CA GLN A 281 10.42 4.86 29.62
C GLN A 281 9.76 3.86 30.57
N GLY A 282 9.52 2.66 30.06
CA GLY A 282 8.90 1.61 30.84
C GLY A 282 9.78 0.38 30.90
N PRO A 283 10.52 0.21 32.02
CA PRO A 283 11.31 -1.02 32.21
C PRO A 283 10.46 -2.29 32.06
N PRO A 284 11.07 -3.51 32.00
CA PRO A 284 10.26 -4.71 31.84
C PRO A 284 9.14 -4.87 32.87
N GLY A 285 7.93 -5.15 32.38
CA GLY A 285 6.76 -5.42 33.19
C GLY A 285 6.21 -4.29 34.03
N THR A 286 6.55 -3.05 33.66
CA THR A 286 6.08 -1.88 34.41
C THR A 286 4.71 -1.36 33.95
N GLY A 287 4.13 -1.96 32.91
CA GLY A 287 2.82 -1.61 32.42
C GLY A 287 2.78 -0.74 31.17
N LYS A 288 3.65 -0.99 30.18
CA LYS A 288 3.64 -0.22 28.94
C LYS A 288 2.39 -0.53 28.10
N SER A 289 2.08 -1.81 27.83
CA SER A 289 0.90 -2.18 27.07
C SER A 289 -0.37 -1.65 27.75
N HIS A 290 -0.40 -1.77 29.07
CA HIS A 290 -1.49 -1.33 29.91
C HIS A 290 -1.68 0.19 29.79
N PHE A 291 -0.57 0.94 29.78
CA PHE A 291 -0.58 2.39 29.60
C PHE A 291 -1.10 2.74 28.20
N ALA A 292 -0.57 2.09 27.15
CA ALA A 292 -0.98 2.32 25.76
C ALA A 292 -2.47 2.05 25.53
N ILE A 293 -3.01 0.92 26.01
CA ILE A 293 -4.43 0.61 25.81
C ILE A 293 -5.34 1.44 26.73
N GLY A 294 -4.83 1.84 27.89
CA GLY A 294 -5.55 2.68 28.83
C GLY A 294 -5.70 4.11 28.37
N LEU A 295 -4.81 4.57 27.51
CA LEU A 295 -4.87 5.89 26.89
C LEU A 295 -6.16 5.98 26.07
N ALA A 296 -6.57 4.86 25.40
CA ALA A 296 -7.79 4.70 24.60
C ALA A 296 -9.03 4.78 25.44
N LEU A 297 -8.99 4.21 26.66
CA LEU A 297 -10.14 4.28 27.57
C LEU A 297 -10.24 5.67 28.24
N TYR A 298 -9.12 6.39 28.37
CA TYR A 298 -9.13 7.73 28.92
C TYR A 298 -9.66 8.73 27.92
N TYR A 299 -9.31 8.61 26.62
CA TYR A 299 -9.85 9.47 25.55
C TYR A 299 -10.71 8.55 24.67
N PRO A 300 -11.94 8.24 25.11
CA PRO A 300 -12.73 7.20 24.43
C PRO A 300 -13.21 7.50 23.02
N SER A 301 -13.34 8.78 22.70
CA SER A 301 -13.76 9.28 21.38
C SER A 301 -12.59 9.36 20.36
N ALA A 302 -11.34 9.42 20.86
CA ALA A 302 -10.13 9.55 20.06
C ALA A 302 -9.79 8.34 19.19
N ARG A 303 -9.31 8.62 17.97
CA ARG A 303 -8.86 7.60 17.01
C ARG A 303 -7.37 7.35 17.29
N ILE A 304 -7.00 6.10 17.66
CA ILE A 304 -5.62 5.79 17.98
C ILE A 304 -5.05 4.76 17.02
N VAL A 305 -3.86 5.08 16.51
CA VAL A 305 -3.15 4.18 15.63
C VAL A 305 -1.96 3.68 16.44
N TYR A 306 -1.88 2.37 16.61
CA TYR A 306 -0.82 1.69 17.35
C TYR A 306 0.17 1.12 16.37
N THR A 307 1.43 1.54 16.52
CA THR A 307 2.50 1.16 15.64
C THR A 307 3.75 0.72 16.42
N ALA A 308 4.56 -0.10 15.77
CA ALA A 308 5.84 -0.62 16.23
C ALA A 308 6.56 -1.22 15.01
N CYS A 309 7.88 -1.43 15.09
CA CYS A 309 8.61 -1.99 13.95
C CYS A 309 8.28 -3.46 13.72
N SER A 310 8.27 -4.28 14.79
CA SER A 310 8.02 -5.72 14.66
C SER A 310 6.53 -6.12 14.68
N HIS A 311 6.22 -7.24 14.02
CA HIS A 311 4.86 -7.77 14.03
C HIS A 311 4.49 -8.27 15.42
N ALA A 312 5.45 -8.85 16.16
CA ALA A 312 5.27 -9.31 17.52
C ALA A 312 4.92 -8.16 18.47
N ALA A 313 5.46 -6.96 18.25
CA ALA A 313 5.16 -5.82 19.12
C ALA A 313 3.75 -5.33 18.87
N VAL A 314 3.33 -5.27 17.58
CA VAL A 314 1.98 -4.85 17.20
C VAL A 314 0.95 -5.87 17.72
N ASP A 315 1.31 -7.18 17.68
CA ASP A 315 0.53 -8.32 18.17
C ASP A 315 0.33 -8.26 19.69
N ALA A 316 1.39 -7.91 20.44
CA ALA A 316 1.29 -7.76 21.89
C ALA A 316 0.33 -6.62 22.23
N LEU A 317 0.34 -5.51 21.43
CA LEU A 317 -0.61 -4.39 21.60
C LEU A 317 -2.07 -4.83 21.26
N CYS A 318 -2.20 -5.71 20.26
CA CYS A 318 -3.49 -6.28 19.83
C CYS A 318 -4.08 -7.15 20.96
N GLU A 319 -3.23 -7.95 21.64
CA GLU A 319 -3.69 -8.81 22.71
C GLU A 319 -4.18 -7.98 23.88
N LYS A 320 -3.47 -6.88 24.21
CA LYS A 320 -3.94 -6.01 25.27
C LYS A 320 -5.28 -5.33 24.86
N ALA A 321 -5.40 -4.81 23.61
CA ALA A 321 -6.64 -4.18 23.11
C ALA A 321 -7.83 -5.15 23.04
N LEU A 322 -7.56 -6.43 22.82
CA LEU A 322 -8.60 -7.45 22.75
C LEU A 322 -9.30 -7.62 24.13
N LYS A 323 -8.56 -7.40 25.23
CA LYS A 323 -9.06 -7.52 26.59
C LYS A 323 -9.79 -6.26 27.09
N TYR A 324 -9.50 -5.06 26.52
CA TYR A 324 -10.09 -3.82 27.05
C TYR A 324 -10.90 -2.97 26.07
N LEU A 325 -10.62 -3.07 24.77
CA LEU A 325 -11.27 -2.25 23.76
C LEU A 325 -12.27 -3.06 22.92
N PRO A 326 -13.39 -2.41 22.48
CA PRO A 326 -14.38 -3.10 21.62
C PRO A 326 -13.76 -3.62 20.33
N ILE A 327 -13.92 -4.93 20.07
CA ILE A 327 -13.31 -5.65 18.95
C ILE A 327 -13.77 -5.15 17.55
N ASP A 328 -14.98 -4.61 17.44
CA ASP A 328 -15.50 -4.10 16.17
C ASP A 328 -14.80 -2.84 15.69
N LYS A 329 -14.35 -1.96 16.61
CA LYS A 329 -13.62 -0.77 16.20
C LYS A 329 -12.11 -0.99 16.10
N CYS A 330 -11.64 -2.24 16.21
CA CYS A 330 -10.22 -2.56 16.03
C CYS A 330 -9.96 -3.18 14.67
N SER A 331 -8.81 -2.86 14.10
CA SER A 331 -8.41 -3.41 12.83
C SER A 331 -6.92 -3.68 12.78
N ARG A 332 -6.55 -4.91 12.41
CA ARG A 332 -5.15 -5.27 12.24
C ARG A 332 -4.76 -5.11 10.74
N ILE A 333 -3.90 -4.10 10.41
CA ILE A 333 -3.42 -3.85 9.04
C ILE A 333 -2.28 -4.80 8.75
N ILE A 334 -2.44 -5.65 7.74
CA ILE A 334 -1.46 -6.65 7.31
C ILE A 334 -1.11 -6.37 5.86
N PRO A 335 0.20 -6.22 5.55
CA PRO A 335 0.58 -5.99 4.16
C PRO A 335 0.30 -7.25 3.34
N ALA A 336 -0.44 -7.10 2.23
CA ALA A 336 -0.82 -8.18 1.33
C ALA A 336 0.38 -9.07 0.94
N ARG A 337 1.63 -8.53 0.96
CA ARG A 337 2.85 -9.34 0.73
C ARG A 337 3.26 -9.96 2.08
N ALA A 338 2.26 -10.56 2.77
CA ALA A 338 2.32 -11.19 4.10
C ALA A 338 3.50 -12.12 4.29
N ARG A 339 4.47 -11.63 5.07
CA ARG A 339 5.70 -12.33 5.40
C ARG A 339 5.40 -13.50 6.39
N VAL A 340 5.18 -13.23 7.69
CA VAL A 340 4.84 -14.31 8.64
C VAL A 340 3.48 -14.08 9.36
N GLU A 341 2.92 -15.15 9.95
CA GLU A 341 1.65 -15.20 10.69
C GLU A 341 1.62 -14.18 11.81
N CYS A 342 0.53 -13.41 11.88
CA CYS A 342 0.34 -12.43 12.95
C CYS A 342 -1.11 -12.48 13.52
N PHE A 343 -1.50 -11.50 14.35
CA PHE A 343 -2.79 -11.38 15.02
C PHE A 343 -3.98 -11.54 14.09
N ASP A 344 -4.83 -12.56 14.36
CA ASP A 344 -6.02 -12.97 13.58
C ASP A 344 -7.40 -12.64 14.21
N LYS A 345 -7.47 -11.92 15.35
CA LYS A 345 -8.76 -11.66 16.01
C LYS A 345 -9.39 -10.26 15.76
N PHE A 346 -8.83 -9.44 14.86
CA PHE A 346 -9.46 -8.16 14.49
C PHE A 346 -9.82 -8.23 12.99
N LYS A 347 -10.70 -7.31 12.50
CA LYS A 347 -11.00 -7.24 11.08
C LYS A 347 -9.71 -6.77 10.36
N VAL A 348 -9.28 -7.49 9.31
CA VAL A 348 -8.03 -7.19 8.61
C VAL A 348 -8.16 -6.07 7.56
N ASN A 349 -7.21 -5.11 7.60
CA ASN A 349 -7.03 -4.00 6.65
C ASN A 349 -8.17 -2.97 6.58
N SER A 350 -9.05 -2.88 7.61
CA SER A 350 -10.08 -1.84 7.62
C SER A 350 -9.37 -0.62 8.18
N THR A 351 -8.64 0.05 7.31
CA THR A 351 -7.77 1.19 7.51
C THR A 351 -8.46 2.41 8.24
N LEU A 352 -9.80 2.38 8.40
CA LEU A 352 -10.52 3.47 9.02
C LEU A 352 -11.13 3.17 10.39
N GLU A 353 -10.99 1.92 10.91
CA GLU A 353 -11.56 1.60 12.23
C GLU A 353 -10.91 2.46 13.31
N GLN A 354 -11.66 2.87 14.33
CA GLN A 354 -11.16 3.74 15.40
C GLN A 354 -9.76 3.38 15.96
N TYR A 355 -9.51 2.09 16.14
CA TYR A 355 -8.25 1.57 16.65
C TYR A 355 -7.57 0.76 15.56
N VAL A 356 -6.44 1.26 15.06
CA VAL A 356 -5.70 0.60 13.99
C VAL A 356 -4.36 0.10 14.48
N PHE A 357 -4.09 -1.20 14.32
CA PHE A 357 -2.83 -1.80 14.75
C PHE A 357 -2.06 -2.16 13.49
N CYS A 358 -0.84 -1.62 13.35
CA CYS A 358 -0.07 -1.78 12.12
C CYS A 358 1.44 -1.56 12.33
N THR A 359 2.28 -2.37 11.65
CA THR A 359 3.71 -2.17 11.71
C THR A 359 4.13 -0.88 10.94
N VAL A 360 5.28 -0.25 11.27
CA VAL A 360 5.76 0.97 10.59
C VAL A 360 5.79 0.82 9.06
N ASN A 361 6.43 -0.26 8.54
CA ASN A 361 6.61 -0.54 7.10
C ASN A 361 5.30 -0.73 6.32
N ALA A 362 4.19 -1.09 7.00
CA ALA A 362 2.89 -1.28 6.38
C ALA A 362 1.92 -0.09 6.60
N LEU A 363 2.34 0.95 7.32
CA LEU A 363 1.50 2.10 7.64
C LEU A 363 0.85 2.77 6.44
N PRO A 364 -0.48 2.89 6.46
CA PRO A 364 -1.16 3.60 5.38
C PRO A 364 -1.12 5.13 5.57
N GLU A 365 -1.57 5.87 4.54
CA GLU A 365 -1.63 7.34 4.46
C GLU A 365 -2.85 7.87 5.20
N THR A 366 -2.71 8.15 6.50
CA THR A 366 -3.87 8.54 7.30
C THR A 366 -3.52 9.57 8.43
N THR A 367 -4.55 9.99 9.18
CA THR A 367 -4.44 10.87 10.33
C THR A 367 -5.03 10.17 11.58
N ALA A 368 -4.72 10.70 12.76
CA ALA A 368 -5.20 10.15 14.03
C ALA A 368 -5.21 11.25 15.12
N ASP A 369 -5.91 11.00 16.24
CA ASP A 369 -5.90 11.94 17.36
C ASP A 369 -4.62 11.65 18.19
N ILE A 370 -4.34 10.35 18.42
CA ILE A 370 -3.12 9.89 19.07
C ILE A 370 -2.47 8.81 18.20
N VAL A 371 -1.14 8.83 18.10
CA VAL A 371 -0.38 7.78 17.46
C VAL A 371 0.50 7.22 18.59
N VAL A 372 0.42 5.91 18.85
CA VAL A 372 1.25 5.28 19.87
C VAL A 372 2.35 4.46 19.16
N PHE A 373 3.64 4.81 19.36
CA PHE A 373 4.77 4.08 18.80
C PHE A 373 5.44 3.32 19.96
N ASP A 374 5.25 2.00 20.00
CA ASP A 374 5.77 1.11 21.05
C ASP A 374 7.11 0.46 20.64
N GLU A 375 7.86 -0.06 21.65
CA GLU A 375 9.18 -0.70 21.51
C GLU A 375 10.12 0.28 20.80
N ILE A 376 10.20 1.50 21.34
CA ILE A 376 10.95 2.61 20.76
C ILE A 376 12.47 2.35 20.70
N SER A 377 13.04 1.41 21.49
CA SER A 377 14.48 1.14 21.33
C SER A 377 14.78 0.38 20.00
N MET A 378 13.78 -0.33 19.45
CA MET A 378 13.92 -1.04 18.18
C MET A 378 13.78 -0.15 16.95
N ALA A 379 13.28 1.07 17.11
CA ALA A 379 13.12 1.98 15.99
C ALA A 379 14.47 2.54 15.57
N THR A 380 14.64 2.75 14.26
CA THR A 380 15.81 3.46 13.72
C THR A 380 15.29 4.89 13.40
N ASN A 381 16.18 5.81 13.04
CA ASN A 381 15.73 7.13 12.63
C ASN A 381 14.95 7.07 11.29
N TYR A 382 15.22 6.05 10.45
CA TYR A 382 14.49 5.82 9.20
C TYR A 382 13.01 5.55 9.54
N ASP A 383 12.75 4.67 10.53
CA ASP A 383 11.39 4.35 11.00
C ASP A 383 10.72 5.55 11.68
N LEU A 384 11.46 6.34 12.47
CA LEU A 384 10.92 7.53 13.10
C LEU A 384 10.38 8.51 12.04
N SER A 385 11.16 8.74 10.96
CA SER A 385 10.77 9.60 9.83
C SER A 385 9.54 9.05 9.07
N VAL A 386 9.50 7.74 8.73
CA VAL A 386 8.39 7.08 8.04
C VAL A 386 7.09 7.26 8.80
N VAL A 387 7.10 7.09 10.13
CA VAL A 387 5.90 7.28 10.92
C VAL A 387 5.41 8.73 10.81
N ASN A 388 6.32 9.71 10.97
CA ASN A 388 5.94 11.12 10.84
C ASN A 388 5.45 11.50 9.43
N ALA A 389 5.89 10.76 8.40
CA ALA A 389 5.51 10.99 7.02
C ALA A 389 4.19 10.34 6.61
N ARG A 390 3.82 9.20 7.20
CA ARG A 390 2.57 8.50 6.83
C ARG A 390 1.37 8.81 7.77
N LEU A 391 1.65 9.26 9.00
CA LEU A 391 0.64 9.58 10.01
C LEU A 391 0.69 11.04 10.47
N ARG A 392 -0.43 11.76 10.36
CA ARG A 392 -0.51 13.14 10.84
C ARG A 392 -1.43 13.19 12.04
N ALA A 393 -0.86 13.23 13.25
CA ALA A 393 -1.63 13.17 14.48
C ALA A 393 -1.56 14.41 15.36
N LYS A 394 -2.63 14.63 16.15
CA LYS A 394 -2.66 15.71 17.12
C LYS A 394 -1.61 15.45 18.23
N HIS A 395 -1.45 14.14 18.61
CA HIS A 395 -0.53 13.64 19.64
C HIS A 395 0.25 12.39 19.26
N TYR A 396 1.55 12.37 19.56
CA TYR A 396 2.43 11.23 19.31
C TYR A 396 3.02 10.74 20.65
N VAL A 397 2.85 9.47 20.98
CA VAL A 397 3.39 8.91 22.21
C VAL A 397 4.40 7.83 21.90
N TYR A 398 5.63 7.97 22.41
CA TYR A 398 6.70 7.00 22.18
C TYR A 398 6.96 6.22 23.44
N ILE A 399 6.62 4.94 23.42
CA ILE A 399 6.80 4.02 24.54
C ILE A 399 7.91 3.01 24.23
N GLY A 400 8.73 2.74 25.22
CA GLY A 400 9.84 1.79 25.10
C GLY A 400 10.78 1.95 26.25
N ASP A 401 12.02 1.48 26.07
CA ASP A 401 13.01 1.54 27.13
C ASP A 401 14.41 1.52 26.52
N PRO A 402 15.19 2.61 26.71
CA PRO A 402 16.55 2.63 26.16
C PRO A 402 17.51 1.63 26.83
N ALA A 403 17.11 1.02 27.93
CA ALA A 403 17.87 -0.06 28.57
C ALA A 403 17.53 -1.46 27.94
N GLN A 404 16.69 -1.50 26.90
CA GLN A 404 16.38 -2.73 26.20
C GLN A 404 17.11 -2.78 24.83
N LEU A 405 16.91 -3.86 24.07
CA LEU A 405 17.62 -4.07 22.83
C LEU A 405 17.21 -3.17 21.65
N PRO A 406 18.23 -2.65 20.92
CA PRO A 406 17.95 -1.84 19.74
C PRO A 406 17.84 -2.68 18.46
N ALA A 407 17.53 -2.02 17.33
CA ALA A 407 17.46 -2.69 16.05
C ALA A 407 18.84 -3.15 15.66
N PRO A 408 18.97 -4.34 15.07
CA PRO A 408 20.29 -4.80 14.59
C PRO A 408 20.87 -3.91 13.48
N ARG A 409 22.11 -3.45 13.66
CA ARG A 409 22.79 -2.60 12.68
C ARG A 409 23.75 -3.51 11.97
N THR A 410 23.23 -4.18 10.92
CA THR A 410 23.92 -5.22 10.15
C THR A 410 25.24 -4.82 9.51
N LEU A 411 25.56 -3.54 9.40
CA LEU A 411 26.86 -3.15 8.85
C LEU A 411 27.88 -2.93 9.96
N LEU A 412 27.42 -2.51 11.17
CA LEU A 412 28.24 -2.19 12.34
C LEU A 412 29.03 -3.38 12.90
N THR A 413 30.36 -3.28 12.80
CA THR A 413 31.31 -4.28 13.26
C THR A 413 32.35 -3.74 14.25
N LYS A 414 32.52 -2.42 14.33
CA LYS A 414 33.54 -1.83 15.19
C LYS A 414 32.95 -0.88 16.20
N GLY A 415 33.15 -1.14 17.47
CA GLY A 415 32.62 -0.30 18.54
C GLY A 415 31.21 -0.74 18.91
N THR A 416 30.75 -0.22 20.05
CA THR A 416 29.43 -0.55 20.56
C THR A 416 28.53 0.69 20.56
N LEU A 417 27.30 0.50 20.10
CA LEU A 417 26.32 1.57 20.01
C LEU A 417 25.61 1.81 21.35
N GLU A 418 25.88 2.92 22.05
CA GLU A 418 25.22 3.21 23.33
C GLU A 418 23.73 3.57 23.19
N PRO A 419 22.89 3.34 24.26
CA PRO A 419 21.45 3.64 24.17
C PRO A 419 21.06 5.05 23.69
N GLU A 420 21.83 6.06 24.08
CA GLU A 420 21.54 7.42 23.63
C GLU A 420 21.68 7.60 22.11
N TYR A 421 22.12 6.59 21.39
CA TYR A 421 22.33 6.67 19.96
C TYR A 421 21.43 5.73 19.14
N PHE A 422 20.47 5.05 19.78
CA PHE A 422 19.58 4.11 19.08
C PHE A 422 18.74 4.87 18.07
N ASN A 423 18.15 5.96 18.52
CA ASN A 423 17.32 6.86 17.69
C ASN A 423 17.16 8.19 18.43
N SER A 424 16.43 9.16 17.81
CA SER A 424 16.19 10.49 18.38
C SER A 424 15.40 10.41 19.67
N VAL A 425 14.46 9.44 19.76
CA VAL A 425 13.64 9.28 20.95
C VAL A 425 14.49 8.77 22.15
N CYS A 426 15.31 7.71 21.95
CA CYS A 426 16.24 7.19 22.97
C CYS A 426 17.24 8.21 23.35
N ARG A 427 17.73 9.00 22.37
CA ARG A 427 18.68 10.08 22.64
C ARG A 427 18.08 11.07 23.66
N LEU A 428 16.79 11.44 23.47
CA LEU A 428 16.10 12.31 24.39
C LEU A 428 15.90 11.64 25.76
N MET A 429 15.42 10.38 25.79
CA MET A 429 15.20 9.63 27.03
C MET A 429 16.47 9.46 27.89
N LYS A 430 17.65 9.48 27.26
CA LYS A 430 18.90 9.29 27.97
C LYS A 430 19.60 10.61 28.34
N THR A 431 19.20 11.73 27.71
CA THR A 431 19.85 13.02 27.97
C THR A 431 18.97 13.94 28.87
N ILE A 432 17.81 14.36 28.36
CA ILE A 432 16.85 15.22 29.10
C ILE A 432 15.90 14.39 30.01
N GLY A 433 15.94 13.06 29.87
CA GLY A 433 15.09 12.12 30.57
C GLY A 433 13.77 11.91 29.85
N PRO A 434 13.07 10.82 30.18
CA PRO A 434 11.74 10.62 29.59
C PRO A 434 10.70 11.55 30.24
N ASP A 435 9.63 11.85 29.52
CA ASP A 435 8.57 12.70 30.07
C ASP A 435 7.82 11.91 31.17
N MET A 436 7.64 10.59 30.96
CA MET A 436 6.96 9.74 31.92
C MET A 436 7.80 8.47 32.17
N PHE A 437 7.86 7.99 33.43
CA PHE A 437 8.63 6.77 33.79
C PHE A 437 7.75 5.81 34.57
N LEU A 438 7.57 4.55 34.08
CA LEU A 438 6.83 3.54 34.85
C LEU A 438 7.85 2.84 35.82
N GLY A 439 7.80 3.18 37.09
CA GLY A 439 8.78 2.74 38.07
C GLY A 439 8.55 1.48 38.87
N THR A 440 7.40 0.82 38.74
CA THR A 440 7.17 -0.42 39.49
C THR A 440 7.00 -1.59 38.57
N CYS A 441 7.97 -2.53 38.68
CA CYS A 441 8.00 -3.80 37.95
C CYS A 441 7.05 -4.80 38.62
N ARG A 442 5.97 -5.16 37.93
CA ARG A 442 4.99 -6.09 38.49
C ARG A 442 5.19 -7.57 38.08
N ARG A 443 6.15 -7.84 37.19
CA ARG A 443 6.40 -9.18 36.68
C ARG A 443 7.42 -10.01 37.44
N CYS A 444 8.59 -9.43 37.69
CA CYS A 444 9.72 -10.19 38.15
C CYS A 444 9.83 -10.41 39.61
N PRO A 445 10.43 -11.57 40.01
CA PRO A 445 10.82 -11.76 41.42
C PRO A 445 11.81 -10.63 41.81
N ALA A 446 11.76 -10.15 43.06
CA ALA A 446 12.62 -9.05 43.48
C ALA A 446 14.10 -9.25 43.22
N GLU A 447 14.64 -10.50 43.21
CA GLU A 447 16.07 -10.72 42.93
C GLU A 447 16.45 -10.17 41.56
N ILE A 448 15.59 -10.41 40.54
CA ILE A 448 15.79 -9.94 39.19
C ILE A 448 15.62 -8.40 39.15
N VAL A 449 14.55 -7.86 39.80
CA VAL A 449 14.29 -6.41 39.82
C VAL A 449 15.43 -5.62 40.49
N ASP A 450 15.96 -6.13 41.64
CA ASP A 450 17.05 -5.47 42.36
C ASP A 450 18.33 -5.43 41.50
N THR A 451 18.59 -6.49 40.71
CA THR A 451 19.75 -6.60 39.85
C THR A 451 19.71 -5.62 38.69
N VAL A 452 18.62 -5.61 37.89
CA VAL A 452 18.50 -4.74 36.71
C VAL A 452 18.29 -3.26 37.11
N SER A 453 17.66 -3.02 38.26
CA SER A 453 17.46 -1.66 38.78
C SER A 453 18.83 -0.98 38.98
N ALA A 454 19.77 -1.71 39.60
CA ALA A 454 21.13 -1.23 39.84
C ALA A 454 21.99 -1.25 38.55
N LEU A 455 21.74 -2.23 37.68
CA LEU A 455 22.51 -2.37 36.46
C LEU A 455 22.22 -1.30 35.38
N VAL A 456 20.92 -0.97 35.09
CA VAL A 456 20.60 -0.06 33.98
C VAL A 456 19.66 1.12 34.31
N TYR A 457 18.94 1.07 35.47
CA TYR A 457 17.94 2.09 35.82
C TYR A 457 18.30 3.03 36.96
N ASP A 458 19.58 3.07 37.40
CA ASP A 458 20.13 3.86 38.51
C ASP A 458 19.29 3.76 39.81
N ASN A 459 18.86 2.56 40.10
CA ASN A 459 18.14 2.22 41.29
C ASN A 459 16.73 2.83 41.39
N LYS A 460 16.14 3.31 40.27
CA LYS A 460 14.76 3.88 40.29
C LYS A 460 13.66 2.87 39.92
N LEU A 461 14.03 1.61 39.62
CA LEU A 461 13.05 0.56 39.34
C LEU A 461 12.81 -0.21 40.66
N LYS A 462 11.56 -0.22 41.10
CA LYS A 462 11.17 -0.88 42.32
C LYS A 462 10.49 -2.22 42.05
N ALA A 463 10.65 -3.18 42.97
CA ALA A 463 10.04 -4.50 42.83
C ALA A 463 8.70 -4.53 43.52
N HIS A 464 7.68 -5.04 42.84
CA HIS A 464 6.33 -5.21 43.40
C HIS A 464 6.24 -6.61 44.03
N LYS A 465 6.79 -7.64 43.34
CA LYS A 465 6.80 -8.98 43.89
C LYS A 465 7.88 -9.08 44.97
N ASP A 466 7.74 -10.08 45.83
CA ASP A 466 8.74 -10.38 46.84
C ASP A 466 9.84 -11.19 46.11
N LYS A 467 10.99 -11.42 46.80
CA LYS A 467 12.05 -12.28 46.33
C LYS A 467 11.43 -13.70 46.23
N SER A 468 11.47 -14.33 45.06
CA SER A 468 10.84 -15.63 44.87
C SER A 468 11.62 -16.79 45.47
N ALA A 469 12.94 -16.60 45.74
CA ALA A 469 13.88 -17.65 46.18
C ALA A 469 14.00 -18.77 45.13
N GLN A 470 13.77 -18.40 43.85
CA GLN A 470 13.83 -19.28 42.68
C GLN A 470 14.72 -18.66 41.58
N CYS A 471 15.65 -17.75 41.95
CA CYS A 471 16.57 -17.13 41.03
C CYS A 471 17.95 -17.60 41.44
N PHE A 472 18.62 -18.36 40.55
CA PHE A 472 19.92 -18.99 40.75
C PHE A 472 20.95 -18.56 39.72
N LYS A 473 22.22 -18.61 40.12
CA LYS A 473 23.33 -18.26 39.26
C LYS A 473 24.43 -19.28 39.44
N MET A 474 25.08 -19.64 38.34
CA MET A 474 26.16 -20.60 38.41
C MET A 474 27.25 -20.12 37.55
N PHE A 475 28.45 -20.00 38.11
CA PHE A 475 29.58 -19.53 37.35
C PHE A 475 30.24 -20.76 36.69
N TYR A 476 30.06 -20.91 35.38
CA TYR A 476 30.57 -22.08 34.66
C TYR A 476 31.02 -21.74 33.22
N LYS A 477 32.33 -21.61 33.00
CA LYS A 477 32.83 -21.20 31.68
C LYS A 477 32.67 -22.29 30.58
N GLY A 478 32.73 -23.57 30.96
CA GLY A 478 32.54 -24.66 30.03
C GLY A 478 33.49 -24.66 28.85
N VAL A 479 32.98 -25.03 27.68
CA VAL A 479 33.73 -25.14 26.43
C VAL A 479 32.95 -24.47 25.31
N ILE A 480 33.60 -23.54 24.63
CA ILE A 480 32.99 -22.76 23.57
C ILE A 480 33.39 -23.25 22.21
N THR A 481 32.40 -23.70 21.45
CA THR A 481 32.58 -24.15 20.08
C THR A 481 31.85 -23.14 19.16
N HIS A 482 32.23 -23.05 17.86
CA HIS A 482 31.59 -22.10 16.96
C HIS A 482 31.10 -22.70 15.64
N ASP A 483 29.79 -22.51 15.37
CA ASP A 483 29.15 -22.89 14.10
C ASP A 483 29.23 -21.59 13.32
N VAL A 484 30.31 -21.43 12.53
CA VAL A 484 30.65 -20.22 11.79
C VAL A 484 31.09 -19.17 12.87
N SER A 485 30.18 -18.31 13.35
CA SER A 485 30.48 -17.37 14.42
C SER A 485 29.45 -17.43 15.58
N SER A 486 28.27 -18.05 15.31
CA SER A 486 27.25 -18.29 16.31
C SER A 486 27.86 -19.39 17.22
N ALA A 487 27.92 -19.10 18.52
CA ALA A 487 28.56 -19.89 19.56
C ALA A 487 27.69 -20.96 20.22
N ILE A 488 28.33 -22.05 20.63
CA ILE A 488 27.73 -23.17 21.37
C ILE A 488 28.58 -23.44 22.63
N ASN A 489 27.92 -23.76 23.72
CA ASN A 489 28.56 -24.16 24.96
C ASN A 489 27.82 -25.41 25.45
N ARG A 490 28.21 -26.59 24.96
CA ARG A 490 27.61 -27.86 25.35
C ARG A 490 27.73 -28.14 26.84
N PRO A 491 28.92 -27.94 27.49
CA PRO A 491 29.00 -28.14 28.95
C PRO A 491 27.99 -27.33 29.79
N GLN A 492 27.64 -26.10 29.34
CA GLN A 492 26.64 -25.26 30.01
C GLN A 492 25.23 -25.84 29.87
N ILE A 493 24.92 -26.45 28.70
CA ILE A 493 23.65 -27.16 28.45
C ILE A 493 23.60 -28.47 29.31
N GLY A 494 24.76 -29.10 29.53
CA GLY A 494 24.92 -30.28 30.35
C GLY A 494 24.67 -29.97 31.81
N VAL A 495 25.11 -28.78 32.25
CA VAL A 495 24.85 -28.32 33.61
C VAL A 495 23.32 -28.12 33.78
N VAL A 496 22.63 -27.54 32.78
CA VAL A 496 21.17 -27.32 32.76
C VAL A 496 20.42 -28.64 32.83
N ARG A 497 20.91 -29.64 32.11
CA ARG A 497 20.32 -30.97 32.10
C ARG A 497 20.44 -31.65 33.48
N GLU A 498 21.59 -31.48 34.15
CA GLU A 498 21.86 -32.00 35.48
C GLU A 498 20.97 -31.32 36.54
N PHE A 499 20.73 -30.02 36.35
CA PHE A 499 19.87 -29.20 37.21
C PHE A 499 18.39 -29.63 37.01
N LEU A 500 17.97 -29.87 35.77
CA LEU A 500 16.59 -30.24 35.48
C LEU A 500 16.16 -31.55 36.10
N THR A 501 17.07 -32.52 36.21
CA THR A 501 16.73 -33.79 36.84
C THR A 501 16.41 -33.56 38.33
N ARG A 502 17.25 -32.76 39.00
CA ARG A 502 17.10 -32.41 40.41
C ARG A 502 15.97 -31.38 40.68
N ASN A 503 15.55 -30.59 39.67
CA ASN A 503 14.52 -29.55 39.82
C ASN A 503 13.46 -29.71 38.73
N PRO A 504 12.67 -30.82 38.77
CA PRO A 504 11.69 -31.09 37.70
C PRO A 504 10.57 -30.06 37.51
N ALA A 505 10.38 -29.17 38.49
CA ALA A 505 9.40 -28.09 38.31
C ALA A 505 9.81 -27.18 37.10
N TRP A 506 11.13 -27.06 36.88
CA TRP A 506 11.75 -26.29 35.82
C TRP A 506 11.57 -26.87 34.42
N ARG A 507 10.81 -28.01 34.29
CA ARG A 507 10.47 -28.65 33.01
C ARG A 507 9.69 -27.71 32.10
N LYS A 508 8.89 -26.83 32.70
CA LYS A 508 8.06 -25.85 32.02
C LYS A 508 8.85 -24.56 31.61
N ALA A 509 10.19 -24.52 31.85
CA ALA A 509 11.04 -23.36 31.56
C ALA A 509 11.35 -23.16 30.09
N VAL A 510 11.50 -21.88 29.71
CA VAL A 510 11.93 -21.47 28.39
C VAL A 510 13.43 -21.32 28.48
N PHE A 511 14.16 -21.87 27.52
CA PHE A 511 15.62 -21.76 27.44
C PHE A 511 16.00 -20.51 26.59
N ILE A 512 16.72 -19.56 27.20
CA ILE A 512 17.21 -18.34 26.57
C ILE A 512 18.75 -18.32 26.54
N SER A 513 19.34 -17.85 25.45
CA SER A 513 20.80 -17.71 25.28
C SER A 513 21.03 -16.62 24.25
N PRO A 514 22.21 -15.99 24.23
CA PRO A 514 22.48 -14.95 23.21
C PRO A 514 22.70 -15.46 21.79
N TYR A 515 22.75 -16.79 21.56
CA TYR A 515 23.05 -17.40 20.24
C TYR A 515 22.01 -18.45 19.77
N ASN A 516 21.67 -18.45 18.48
CA ASN A 516 20.73 -19.40 17.88
C ASN A 516 21.29 -20.83 17.86
N SER A 517 22.61 -20.95 17.65
CA SER A 517 23.25 -22.24 17.62
C SER A 517 23.26 -22.89 18.99
N GLN A 518 23.41 -22.09 20.07
CA GLN A 518 23.32 -22.61 21.44
C GLN A 518 21.91 -23.17 21.68
N ASN A 519 20.88 -22.38 21.30
CA ASN A 519 19.45 -22.69 21.38
C ASN A 519 19.10 -23.97 20.61
N ALA A 520 19.71 -24.19 19.43
CA ALA A 520 19.47 -25.37 18.59
C ALA A 520 19.98 -26.64 19.28
N VAL A 521 21.18 -26.57 19.88
CA VAL A 521 21.77 -27.68 20.60
C VAL A 521 20.99 -27.97 21.89
N ALA A 522 20.56 -26.90 22.58
CA ALA A 522 19.79 -27.04 23.82
C ALA A 522 18.40 -27.59 23.56
N SER A 523 17.79 -27.28 22.40
CA SER A 523 16.47 -27.79 22.04
C SER A 523 16.50 -29.29 21.82
N LYS A 524 17.59 -29.84 21.26
CA LYS A 524 17.71 -31.27 21.04
C LYS A 524 18.03 -32.04 22.35
N ILE A 525 18.95 -31.52 23.17
CA ILE A 525 19.40 -32.12 24.44
C ILE A 525 18.43 -31.98 25.63
N LEU A 526 17.84 -30.78 25.83
CA LEU A 526 16.90 -30.48 26.96
C LEU A 526 15.44 -30.63 26.57
N GLY A 527 15.12 -30.32 25.31
CA GLY A 527 13.76 -30.40 24.82
C GLY A 527 12.92 -29.17 25.11
N LEU A 528 13.42 -28.23 25.96
CA LEU A 528 12.73 -26.97 26.35
C LEU A 528 12.47 -26.09 25.12
N PRO A 529 11.42 -25.21 25.16
CA PRO A 529 11.28 -24.22 24.09
C PRO A 529 12.46 -23.26 24.15
N THR A 530 12.89 -22.84 22.99
CA THR A 530 14.09 -22.06 22.81
C THR A 530 13.78 -20.63 22.33
N GLN A 531 14.58 -19.67 22.82
CA GLN A 531 14.40 -18.29 22.43
C GLN A 531 15.71 -17.51 22.55
N THR A 532 16.10 -16.70 21.54
CA THR A 532 17.29 -15.87 21.70
C THR A 532 16.90 -14.72 22.60
N VAL A 533 17.88 -14.04 23.25
CA VAL A 533 17.56 -12.89 24.10
C VAL A 533 16.75 -11.82 23.32
N ASP A 534 17.18 -11.54 22.07
CA ASP A 534 16.59 -10.60 21.14
C ASP A 534 15.14 -10.93 20.79
N SER A 535 14.83 -12.21 20.51
CA SER A 535 13.43 -12.58 20.23
C SER A 535 12.57 -12.75 21.49
N SER A 536 13.20 -12.83 22.67
CA SER A 536 12.46 -12.94 23.93
C SER A 536 11.90 -11.58 24.39
N GLN A 537 12.44 -10.45 23.89
CA GLN A 537 12.01 -9.09 24.22
C GLN A 537 10.50 -8.90 23.98
N GLY A 538 9.82 -8.36 24.98
CA GLY A 538 8.38 -8.14 24.97
C GLY A 538 7.56 -9.28 25.56
N SER A 539 8.16 -10.50 25.63
CA SER A 539 7.52 -11.71 26.14
C SER A 539 7.89 -12.00 27.61
N GLU A 540 7.03 -12.77 28.32
CA GLU A 540 7.27 -13.18 29.70
C GLU A 540 6.97 -14.67 29.89
N TYR A 541 7.73 -15.33 30.76
CA TYR A 541 7.63 -16.76 31.03
C TYR A 541 7.85 -17.00 32.54
N ASP A 542 7.14 -17.97 33.16
CA ASP A 542 7.30 -18.27 34.58
C ASP A 542 8.75 -18.60 34.94
N TYR A 543 9.35 -19.49 34.16
CA TYR A 543 10.70 -19.92 34.39
C TYR A 543 11.55 -19.69 33.18
N VAL A 544 12.78 -19.23 33.41
CA VAL A 544 13.71 -18.94 32.34
C VAL A 544 15.03 -19.60 32.67
N ILE A 545 15.59 -20.33 31.73
CA ILE A 545 16.93 -20.88 31.90
C ILE A 545 17.77 -20.19 30.90
N PHE A 546 18.78 -19.49 31.37
CA PHE A 546 19.67 -18.70 30.56
C PHE A 546 21.10 -19.21 30.63
N THR A 547 21.73 -19.54 29.49
CA THR A 547 23.16 -19.91 29.46
C THR A 547 23.86 -18.77 28.69
N GLN A 548 24.77 -18.04 29.34
CA GLN A 548 25.48 -16.93 28.71
C GLN A 548 26.33 -17.33 27.48
N THR A 549 26.70 -18.64 27.36
CA THR A 549 27.45 -19.28 26.25
C THR A 549 28.94 -18.82 26.18
N THR A 550 29.18 -17.50 25.95
CA THR A 550 30.52 -16.92 25.85
C THR A 550 30.70 -15.69 26.78
N GLU A 551 31.91 -15.15 26.82
CA GLU A 551 32.24 -13.94 27.56
C GLU A 551 32.49 -12.82 26.52
N THR A 552 31.84 -12.84 25.33
CA THR A 552 31.99 -11.82 24.28
C THR A 552 31.36 -10.45 24.65
N ALA A 553 31.53 -9.42 23.81
CA ALA A 553 30.88 -8.13 24.03
C ALA A 553 29.35 -8.23 23.75
N HIS A 554 28.93 -9.20 22.91
CA HIS A 554 27.54 -9.46 22.56
C HIS A 554 26.81 -10.13 23.75
N SER A 555 27.38 -11.21 24.29
CA SER A 555 26.80 -11.89 25.43
C SER A 555 26.98 -11.11 26.73
N CYS A 556 27.84 -10.07 26.77
CA CYS A 556 28.00 -9.26 27.97
C CYS A 556 27.28 -7.94 27.91
N ASN A 557 26.67 -7.57 26.76
CA ASN A 557 25.94 -6.30 26.60
C ASN A 557 24.86 -6.18 27.70
N VAL A 558 24.92 -5.08 28.50
CA VAL A 558 24.03 -4.92 29.63
C VAL A 558 22.55 -4.80 29.23
N ASN A 559 22.24 -4.29 28.01
CA ASN A 559 20.85 -4.20 27.56
C ASN A 559 20.30 -5.57 27.24
N ARG A 560 21.11 -6.44 26.64
CA ARG A 560 20.73 -7.81 26.35
C ARG A 560 20.64 -8.59 27.68
N PHE A 561 21.60 -8.36 28.62
CA PHE A 561 21.55 -9.01 29.93
C PHE A 561 20.25 -8.67 30.71
N ASN A 562 19.87 -7.39 30.62
CA ASN A 562 18.67 -6.81 31.21
C ASN A 562 17.43 -7.54 30.63
N VAL A 563 17.34 -7.67 29.28
CA VAL A 563 16.22 -8.33 28.62
C VAL A 563 16.13 -9.79 29.03
N ALA A 564 17.26 -10.52 28.97
CA ALA A 564 17.32 -11.92 29.33
C ALA A 564 16.77 -12.24 30.71
N ILE A 565 17.21 -11.52 31.77
CA ILE A 565 16.78 -11.90 33.12
C ILE A 565 15.42 -11.34 33.48
N THR A 566 14.95 -10.27 32.81
CA THR A 566 13.64 -9.68 33.09
C THR A 566 12.48 -10.37 32.35
N ARG A 567 12.70 -11.56 31.77
CA ARG A 567 11.65 -12.36 31.10
C ARG A 567 10.89 -13.23 32.10
N ALA A 568 11.55 -13.59 33.24
CA ALA A 568 11.03 -14.47 34.26
C ALA A 568 10.03 -13.86 35.24
N LYS A 569 8.91 -14.58 35.49
CA LYS A 569 7.84 -14.19 36.43
C LYS A 569 8.11 -14.82 37.81
N VAL A 570 8.58 -16.07 37.81
CA VAL A 570 8.79 -16.82 39.05
C VAL A 570 10.26 -17.15 39.32
N GLY A 571 10.94 -17.72 38.34
CA GLY A 571 12.33 -18.15 38.54
C GLY A 571 13.22 -18.09 37.33
N ILE A 572 14.51 -18.00 37.60
CA ILE A 572 15.53 -17.98 36.57
C ILE A 572 16.79 -18.72 37.04
N LEU A 573 17.44 -19.44 36.13
CA LEU A 573 18.70 -20.10 36.40
C LEU A 573 19.61 -19.46 35.35
N CYS A 574 20.69 -18.80 35.79
CA CYS A 574 21.67 -18.18 34.89
C CYS A 574 22.99 -18.94 34.99
N ILE A 575 23.44 -19.58 33.90
CA ILE A 575 24.75 -20.22 33.87
C ILE A 575 25.58 -19.16 33.18
N MET A 576 26.53 -18.56 33.91
CA MET A 576 27.33 -17.42 33.48
C MET A 576 28.77 -17.72 33.09
N SER A 577 29.31 -16.92 32.17
CA SER A 577 30.68 -16.99 31.69
C SER A 577 31.50 -15.77 32.18
N ASP A 578 30.82 -14.60 32.29
CA ASP A 578 31.41 -13.35 32.73
C ASP A 578 31.36 -13.22 34.24
N ARG A 579 32.55 -13.05 34.88
CA ARG A 579 32.66 -12.87 36.33
C ARG A 579 31.94 -11.60 36.75
N ASP A 580 32.10 -10.52 35.95
CA ASP A 580 31.47 -9.23 36.15
C ASP A 580 29.91 -9.33 36.36
N LEU A 581 29.14 -9.82 35.37
CA LEU A 581 27.68 -9.96 35.47
C LEU A 581 27.26 -11.05 36.46
N TYR A 582 28.12 -12.09 36.66
CA TYR A 582 27.79 -13.13 37.64
C TYR A 582 27.80 -12.51 39.05
N ASP A 583 28.80 -11.66 39.35
CA ASP A 583 28.94 -11.00 40.64
C ASP A 583 27.79 -9.99 40.86
N LYS A 584 27.34 -9.32 39.79
CA LYS A 584 26.23 -8.39 39.86
C LYS A 584 24.88 -9.09 40.05
N LEU A 585 24.70 -10.37 39.61
CA LEU A 585 23.42 -11.08 39.82
C LEU A 585 23.15 -11.28 41.33
N GLN A 586 21.96 -10.83 41.81
CA GLN A 586 21.56 -10.96 43.20
C GLN A 586 20.71 -12.20 43.34
N PHE A 587 21.28 -13.33 42.88
CA PHE A 587 20.62 -14.63 42.89
C PHE A 587 21.34 -15.53 43.87
N THR A 588 20.70 -16.64 44.28
CA THR A 588 21.29 -17.67 45.13
C THR A 588 22.35 -18.41 44.24
N SER A 589 23.62 -18.46 44.66
CA SER A 589 24.63 -19.17 43.89
C SER A 589 24.47 -20.71 44.04
N LEU A 590 24.72 -21.48 42.97
CA LEU A 590 24.65 -22.95 43.00
C LEU A 590 26.04 -23.56 42.82
N GLU A 591 26.26 -24.75 43.40
CA GLU A 591 27.52 -25.48 43.29
C GLU A 591 27.40 -26.59 42.22
N ILE A 592 28.56 -27.11 41.78
CA ILE A 592 28.91 -28.13 40.76
C ILE A 592 29.75 -27.40 39.70
N VAL B 2 -16.42 12.20 14.86
CA VAL B 2 -17.05 13.53 14.73
C VAL B 2 -16.58 14.30 13.49
N GLY B 3 -17.52 14.98 12.81
CA GLY B 3 -17.24 15.70 11.56
C GLY B 3 -18.31 16.62 11.00
N ALA B 4 -18.35 16.74 9.68
CA ALA B 4 -19.25 17.64 8.97
C ALA B 4 -20.37 16.94 8.22
N CYS B 5 -21.53 17.58 8.15
CA CYS B 5 -22.72 17.07 7.46
C CYS B 5 -22.52 16.94 5.94
N VAL B 6 -22.84 15.77 5.38
CA VAL B 6 -22.71 15.54 3.95
C VAL B 6 -23.78 16.28 3.09
N LEU B 7 -24.73 16.98 3.72
CA LEU B 7 -25.80 17.67 3.00
C LEU B 7 -25.82 19.17 3.21
N CYS B 8 -25.35 19.62 4.39
CA CYS B 8 -25.38 21.03 4.87
C CYS B 8 -24.03 21.60 5.19
N ASN B 9 -23.10 20.72 5.55
CA ASN B 9 -21.77 20.98 6.11
C ASN B 9 -21.83 21.31 7.61
N SER B 10 -23.04 21.63 8.16
CA SER B 10 -23.23 21.97 9.56
C SER B 10 -22.64 20.90 10.50
N GLN B 11 -21.46 21.17 11.09
CA GLN B 11 -20.73 20.32 12.04
C GLN B 11 -21.64 19.48 12.94
N THR B 12 -21.36 18.15 13.16
CA THR B 12 -22.22 17.32 14.05
C THR B 12 -21.57 16.09 14.67
N SER B 13 -22.13 15.64 15.83
CA SER B 13 -21.77 14.40 16.52
C SER B 13 -22.45 13.18 15.84
N LEU B 14 -23.57 13.41 15.13
CA LEU B 14 -24.42 12.43 14.47
C LEU B 14 -23.89 11.87 13.15
N ARG B 15 -24.13 10.57 12.96
CA ARG B 15 -23.84 9.77 11.78
C ARG B 15 -25.03 8.83 11.59
N CYS B 16 -25.38 8.48 10.33
CA CYS B 16 -26.46 7.51 10.11
C CYS B 16 -25.93 6.09 10.25
N GLY B 17 -26.42 5.35 11.22
CA GLY B 17 -25.99 3.98 11.46
C GLY B 17 -26.53 2.98 10.47
N ALA B 18 -27.67 3.30 9.81
CA ALA B 18 -28.30 2.42 8.84
C ALA B 18 -27.73 2.58 7.40
N CYS B 19 -27.04 3.72 7.14
CA CYS B 19 -26.34 4.03 5.88
C CYS B 19 -25.07 3.22 5.90
N ILE B 20 -24.78 2.51 4.79
CA ILE B 20 -23.58 1.67 4.73
C ILE B 20 -22.27 2.50 4.73
N ARG B 21 -22.36 3.82 4.48
CA ARG B 21 -21.19 4.71 4.57
C ARG B 21 -21.10 5.51 5.88
N ARG B 22 -22.20 5.51 6.66
CA ARG B 22 -22.36 6.19 7.93
C ARG B 22 -22.04 7.69 7.84
N PRO B 23 -22.77 8.42 6.96
CA PRO B 23 -22.45 9.84 6.76
C PRO B 23 -22.76 10.70 7.97
N PHE B 24 -21.94 11.74 8.16
CA PHE B 24 -22.20 12.71 9.21
C PHE B 24 -23.45 13.51 8.75
N LEU B 25 -24.45 13.57 9.61
CA LEU B 25 -25.67 14.29 9.33
C LEU B 25 -25.87 15.27 10.48
N CYS B 26 -26.28 16.50 10.15
CA CYS B 26 -26.51 17.53 11.16
C CYS B 26 -27.83 17.28 11.88
N CYS B 27 -28.00 17.85 13.09
CA CYS B 27 -29.24 17.73 13.88
C CYS B 27 -30.52 17.86 12.99
N LYS B 28 -30.53 18.86 12.07
CA LYS B 28 -31.66 19.13 11.18
C LYS B 28 -31.80 18.07 10.06
N CYS B 29 -30.69 17.76 9.32
CA CYS B 29 -30.70 16.83 8.16
C CYS B 29 -30.79 15.34 8.56
N CYS B 30 -30.33 15.02 9.76
CA CYS B 30 -30.42 13.69 10.32
C CYS B 30 -31.87 13.33 10.56
N TYR B 31 -32.64 14.28 11.14
CA TYR B 31 -34.06 14.08 11.41
C TYR B 31 -34.80 13.91 10.07
N ASP B 32 -34.61 14.86 9.10
CA ASP B 32 -35.26 14.82 7.77
C ASP B 32 -35.02 13.48 7.07
N HIS B 33 -33.88 12.80 7.38
CA HIS B 33 -33.56 11.49 6.82
C HIS B 33 -34.29 10.35 7.56
N VAL B 34 -34.16 10.27 8.92
CA VAL B 34 -34.73 9.21 9.75
C VAL B 34 -36.27 9.20 9.71
N ILE B 35 -36.90 10.38 9.57
CA ILE B 35 -38.37 10.43 9.53
C ILE B 35 -38.95 10.09 8.14
N SER B 36 -38.10 10.00 7.10
CA SER B 36 -38.58 9.75 5.73
C SER B 36 -38.17 8.39 5.18
N THR B 37 -37.20 7.70 5.82
CA THR B 37 -36.70 6.39 5.38
C THR B 37 -36.82 5.33 6.50
N SER B 38 -36.55 4.05 6.17
CA SER B 38 -36.44 2.97 7.14
C SER B 38 -35.16 3.12 8.02
N HIS B 39 -34.30 4.11 7.75
CA HIS B 39 -33.07 4.33 8.47
C HIS B 39 -33.36 5.02 9.79
N LYS B 40 -33.26 4.31 10.92
CA LYS B 40 -33.52 4.93 12.23
C LYS B 40 -32.36 4.76 13.22
N LEU B 41 -31.32 3.96 12.90
CA LEU B 41 -30.19 3.82 13.83
C LEU B 41 -29.32 5.04 13.66
N VAL B 42 -29.20 5.89 14.71
CA VAL B 42 -28.37 7.08 14.69
C VAL B 42 -27.16 6.85 15.57
N LEU B 43 -25.94 7.06 15.02
CA LEU B 43 -24.72 6.86 15.78
C LEU B 43 -24.12 8.20 16.20
N SER B 44 -23.46 8.19 17.38
CA SER B 44 -22.79 9.36 17.93
C SER B 44 -21.46 8.85 18.56
N VAL B 45 -21.06 9.36 19.78
CA VAL B 45 -19.90 8.85 20.53
C VAL B 45 -20.25 7.40 20.90
N ASN B 46 -21.44 7.23 21.48
CA ASN B 46 -22.10 5.98 21.75
C ASN B 46 -23.29 5.93 20.74
N PRO B 47 -23.78 4.73 20.38
CA PRO B 47 -24.95 4.68 19.50
C PRO B 47 -26.24 4.98 20.27
N TYR B 48 -27.24 5.51 19.55
CA TYR B 48 -28.51 5.79 20.20
C TYR B 48 -29.24 4.51 20.18
N VAL B 49 -29.08 3.77 21.24
CA VAL B 49 -29.71 2.47 21.45
C VAL B 49 -30.06 2.38 22.95
N CYS B 50 -31.22 1.77 23.29
CA CYS B 50 -31.62 1.66 24.68
C CYS B 50 -30.59 0.94 25.56
N ASN B 51 -30.07 1.67 26.55
CA ASN B 51 -29.07 1.21 27.50
C ASN B 51 -29.61 0.25 28.56
N ALA B 52 -30.95 0.10 28.68
CA ALA B 52 -31.52 -0.83 29.64
C ALA B 52 -31.17 -2.24 29.23
N PRO B 53 -30.68 -3.06 30.19
CA PRO B 53 -30.27 -4.43 29.87
C PRO B 53 -31.28 -5.29 29.08
N GLY B 54 -30.82 -5.86 27.96
CA GLY B 54 -31.64 -6.73 27.13
C GLY B 54 -32.70 -6.03 26.31
N CYS B 55 -32.55 -4.70 26.11
CA CYS B 55 -33.51 -3.97 25.31
C CYS B 55 -33.02 -3.71 23.91
N ASP B 56 -33.80 -4.18 22.93
CA ASP B 56 -33.49 -4.05 21.52
C ASP B 56 -34.08 -2.82 20.82
N VAL B 57 -34.38 -1.73 21.57
CA VAL B 57 -34.88 -0.50 20.93
C VAL B 57 -33.70 0.28 20.36
N THR B 58 -33.60 0.34 19.01
CA THR B 58 -32.55 1.03 18.25
C THR B 58 -33.10 2.19 17.41
N ASP B 59 -34.43 2.29 17.24
CA ASP B 59 -35.09 3.37 16.49
C ASP B 59 -34.92 4.66 17.29
N VAL B 60 -34.27 5.66 16.69
CA VAL B 60 -34.00 6.96 17.31
C VAL B 60 -35.29 7.72 17.69
N THR B 61 -36.41 7.50 16.95
CA THR B 61 -37.69 8.17 17.23
C THR B 61 -38.35 7.65 18.52
N GLN B 62 -37.99 6.40 18.92
CA GLN B 62 -38.45 5.71 20.12
C GLN B 62 -37.47 5.84 21.30
N LEU B 63 -36.48 6.78 21.23
CA LEU B 63 -35.47 6.92 22.28
C LEU B 63 -35.38 8.32 22.90
N TYR B 64 -34.86 8.39 24.14
CA TYR B 64 -34.75 9.56 25.02
C TYR B 64 -33.37 9.64 25.69
N LEU B 65 -33.00 10.83 26.15
CA LEU B 65 -31.78 10.99 26.92
C LEU B 65 -32.09 11.13 28.43
N GLY B 66 -31.70 10.11 29.20
CA GLY B 66 -31.86 10.00 30.66
C GLY B 66 -30.57 10.23 31.43
N GLY B 67 -30.23 11.51 31.56
CA GLY B 67 -29.03 12.02 32.21
C GLY B 67 -27.97 12.13 31.14
N MET B 68 -27.16 11.10 31.05
CA MET B 68 -26.17 11.00 29.97
C MET B 68 -26.23 9.60 29.26
N SER B 69 -27.13 8.70 29.72
CA SER B 69 -27.40 7.37 29.17
C SER B 69 -28.78 7.40 28.42
N TYR B 70 -28.89 6.74 27.25
CA TYR B 70 -30.11 6.74 26.42
C TYR B 70 -31.01 5.57 26.70
N TYR B 71 -32.33 5.76 26.66
CA TYR B 71 -33.33 4.70 26.94
C TYR B 71 -34.61 4.87 26.08
N CYS B 72 -35.44 3.81 25.95
CA CYS B 72 -36.71 3.87 25.21
C CYS B 72 -37.90 4.42 26.09
N LYS B 73 -39.13 4.46 25.56
CA LYS B 73 -40.27 4.93 26.31
C LYS B 73 -40.57 4.03 27.53
N SER B 74 -40.22 2.71 27.44
CA SER B 74 -40.42 1.71 28.51
C SER B 74 -39.38 1.72 29.61
N HIS B 75 -38.18 2.20 29.32
CA HIS B 75 -37.11 2.19 30.29
C HIS B 75 -36.59 3.53 30.70
N LYS B 76 -37.01 4.62 30.05
CA LYS B 76 -36.49 5.94 30.36
C LYS B 76 -36.70 6.34 31.85
N PRO B 77 -35.79 7.12 32.42
CA PRO B 77 -36.01 7.62 33.79
C PRO B 77 -37.06 8.75 33.79
N PRO B 78 -37.63 9.07 34.95
CA PRO B 78 -38.64 10.16 35.00
C PRO B 78 -38.19 11.47 34.35
N ILE B 79 -36.91 11.81 34.49
CA ILE B 79 -36.37 13.04 33.90
C ILE B 79 -35.59 12.73 32.61
N SER B 80 -36.27 12.94 31.45
CA SER B 80 -35.75 12.64 30.11
C SER B 80 -36.30 13.57 29.01
N PHE B 81 -35.57 13.68 27.89
CA PHE B 81 -36.05 14.44 26.73
C PHE B 81 -35.87 13.61 25.45
N PRO B 82 -36.85 13.64 24.54
CA PRO B 82 -36.76 12.79 23.34
C PRO B 82 -35.55 13.13 22.51
N LEU B 83 -34.85 12.12 22.04
CA LEU B 83 -33.66 12.35 21.21
C LEU B 83 -34.03 12.90 19.84
N CYS B 84 -35.30 12.83 19.42
CA CYS B 84 -35.71 13.17 18.08
C CYS B 84 -37.05 13.98 18.08
N ALA B 85 -36.97 15.31 18.13
CA ALA B 85 -38.16 16.19 18.21
C ALA B 85 -37.86 17.58 17.62
N ASN B 86 -38.90 18.35 17.25
CA ASN B 86 -38.78 19.72 16.72
C ASN B 86 -37.99 19.78 15.42
N GLY B 87 -38.05 18.74 14.60
CA GLY B 87 -37.29 18.71 13.34
C GLY B 87 -35.78 18.51 13.49
N GLN B 88 -35.38 18.00 14.65
CA GLN B 88 -33.98 17.80 14.95
C GLN B 88 -33.72 16.49 15.70
N VAL B 89 -32.52 15.95 15.53
CA VAL B 89 -32.07 14.80 16.30
C VAL B 89 -31.02 15.39 17.26
N PHE B 90 -31.17 15.12 18.55
CA PHE B 90 -30.28 15.60 19.59
C PHE B 90 -28.83 15.19 19.39
N GLY B 91 -27.95 16.17 19.38
CA GLY B 91 -26.51 15.95 19.25
C GLY B 91 -25.70 17.18 19.57
N LEU B 92 -24.50 17.25 18.98
CA LEU B 92 -23.60 18.39 19.13
C LEU B 92 -23.89 19.42 18.02
N TYR B 93 -23.56 20.68 18.30
CA TYR B 93 -23.68 21.80 17.37
C TYR B 93 -25.12 21.96 16.89
N LYS B 94 -26.06 21.81 17.85
CA LYS B 94 -27.51 21.91 17.66
C LYS B 94 -27.97 23.30 17.16
N ASN B 95 -27.14 24.34 17.40
CA ASN B 95 -27.38 25.74 16.97
C ASN B 95 -26.82 26.03 15.56
N THR B 96 -25.77 25.29 15.14
CA THR B 96 -25.15 25.42 13.81
C THR B 96 -25.81 24.39 12.87
N CYS B 97 -26.99 24.72 12.32
CA CYS B 97 -27.75 23.85 11.41
C CYS B 97 -28.40 24.72 10.33
N VAL B 98 -28.50 24.18 9.12
CA VAL B 98 -29.14 24.92 8.04
C VAL B 98 -30.37 24.19 7.52
N GLY B 99 -30.20 22.89 7.24
CA GLY B 99 -31.26 22.04 6.68
C GLY B 99 -31.18 21.95 5.17
N SER B 100 -32.19 21.38 4.52
CA SER B 100 -32.22 21.29 3.06
C SER B 100 -33.64 21.13 2.55
N ASP B 101 -34.06 22.06 1.64
CA ASP B 101 -35.39 22.17 1.00
C ASP B 101 -36.03 20.84 0.57
N ASN B 102 -35.19 19.88 0.15
CA ASN B 102 -35.59 18.53 -0.28
C ASN B 102 -34.42 17.54 -0.19
N VAL B 103 -34.28 16.88 0.97
CA VAL B 103 -33.30 15.80 1.17
C VAL B 103 -33.74 14.53 0.38
N THR B 104 -34.74 14.66 -0.54
CA THR B 104 -35.33 13.62 -1.40
C THR B 104 -34.29 12.80 -2.14
N ASP B 105 -33.27 13.47 -2.73
CA ASP B 105 -32.19 12.80 -3.48
C ASP B 105 -31.22 12.07 -2.56
N PHE B 106 -30.93 12.61 -1.36
CA PHE B 106 -30.04 11.94 -0.41
C PHE B 106 -30.68 10.61 0.05
N ASN B 107 -31.98 10.63 0.34
CA ASN B 107 -32.74 9.48 0.80
C ASN B 107 -32.75 8.40 -0.28
N ALA B 108 -32.91 8.80 -1.56
CA ALA B 108 -32.93 7.86 -2.68
C ALA B 108 -31.58 7.21 -2.98
N ILE B 109 -30.46 7.88 -2.66
CA ILE B 109 -29.13 7.32 -2.83
C ILE B 109 -28.81 6.39 -1.67
N ALA B 110 -29.14 6.81 -0.44
CA ALA B 110 -28.91 6.07 0.80
C ALA B 110 -29.71 4.77 0.87
N THR B 111 -30.89 4.72 0.25
CA THR B 111 -31.78 3.56 0.32
C THR B 111 -31.86 2.66 -0.95
N CYS B 112 -31.32 3.11 -2.11
CA CYS B 112 -31.40 2.33 -3.35
C CYS B 112 -30.50 1.10 -3.33
N ASP B 113 -30.84 0.10 -4.16
CA ASP B 113 -30.09 -1.16 -4.28
C ASP B 113 -29.06 -1.19 -5.44
N TRP B 114 -29.02 -0.10 -6.25
CA TRP B 114 -28.11 0.09 -7.39
C TRP B 114 -28.33 -0.96 -8.51
N THR B 115 -29.53 -1.56 -8.56
CA THR B 115 -29.84 -2.52 -9.63
C THR B 115 -30.55 -1.83 -10.82
N ASN B 116 -31.11 -0.62 -10.62
CA ASN B 116 -31.81 0.15 -11.65
C ASN B 116 -30.89 1.21 -12.27
N ALA B 117 -31.19 1.60 -13.50
CA ALA B 117 -30.41 2.61 -14.21
C ALA B 117 -30.64 4.01 -13.63
N GLY B 118 -31.86 4.29 -13.16
CA GLY B 118 -32.22 5.57 -12.56
C GLY B 118 -31.40 5.96 -11.33
N ASP B 119 -30.79 4.95 -10.68
CA ASP B 119 -29.94 5.08 -9.49
C ASP B 119 -28.60 5.73 -9.86
N TYR B 120 -28.06 5.32 -11.04
CA TYR B 120 -26.82 5.79 -11.65
C TYR B 120 -27.00 7.17 -12.32
N ILE B 121 -28.21 7.45 -12.84
CA ILE B 121 -28.61 8.71 -13.44
C ILE B 121 -28.60 9.74 -12.30
N LEU B 122 -29.28 9.45 -11.17
CA LEU B 122 -29.32 10.30 -10.00
C LEU B 122 -27.91 10.49 -9.41
N ALA B 123 -27.08 9.44 -9.31
CA ALA B 123 -25.69 9.56 -8.81
C ALA B 123 -24.81 10.49 -9.69
N ASN B 124 -25.32 10.96 -10.83
CA ASN B 124 -24.58 11.83 -11.74
C ASN B 124 -25.27 13.19 -11.96
N THR B 125 -26.59 13.23 -11.78
CA THR B 125 -27.31 14.48 -11.92
C THR B 125 -27.46 15.22 -10.57
N CYS B 126 -27.12 14.60 -9.45
CA CYS B 126 -27.24 15.22 -8.12
C CYS B 126 -26.17 16.31 -7.88
N THR B 127 -26.19 16.96 -6.69
CA THR B 127 -25.17 17.94 -6.35
C THR B 127 -23.80 17.27 -6.25
N GLU B 128 -22.73 18.07 -6.28
CA GLU B 128 -21.38 17.52 -6.24
C GLU B 128 -21.09 16.69 -5.00
N ARG B 129 -21.59 17.12 -3.81
CA ARG B 129 -21.39 16.34 -2.57
C ARG B 129 -22.19 15.02 -2.57
N LEU B 130 -23.35 15.04 -3.21
CA LEU B 130 -24.17 13.86 -3.35
C LEU B 130 -23.65 12.89 -4.41
N LYS B 131 -22.85 13.39 -5.38
CA LYS B 131 -22.15 12.58 -6.39
C LYS B 131 -21.10 11.76 -5.67
N LEU B 132 -20.39 12.35 -4.67
CA LEU B 132 -19.35 11.65 -3.90
C LEU B 132 -19.96 10.64 -2.93
N PHE B 133 -21.06 11.01 -2.25
CA PHE B 133 -21.77 10.10 -1.34
C PHE B 133 -22.31 8.92 -2.13
N ALA B 134 -22.87 9.17 -3.35
CA ALA B 134 -23.38 8.11 -4.23
C ALA B 134 -22.25 7.21 -4.74
N ALA B 135 -21.09 7.82 -5.11
CA ALA B 135 -19.92 7.09 -5.60
C ALA B 135 -19.39 6.14 -4.52
N GLU B 136 -19.36 6.59 -3.25
CA GLU B 136 -18.93 5.80 -2.09
C GLU B 136 -19.93 4.69 -1.77
N THR B 137 -21.23 5.03 -1.69
CA THR B 137 -22.28 4.10 -1.35
C THR B 137 -22.36 2.98 -2.39
N LEU B 138 -22.23 3.34 -3.67
CA LEU B 138 -22.25 2.38 -4.76
C LEU B 138 -21.04 1.46 -4.65
N LYS B 139 -19.81 2.00 -4.56
CA LYS B 139 -18.62 1.16 -4.48
C LYS B 139 -18.60 0.25 -3.28
N ALA B 140 -19.19 0.68 -2.17
CA ALA B 140 -19.29 -0.15 -0.98
C ALA B 140 -20.32 -1.25 -1.22
N THR B 141 -21.46 -0.92 -1.85
CA THR B 141 -22.51 -1.90 -2.15
C THR B 141 -21.97 -2.96 -3.12
N GLU B 142 -21.13 -2.56 -4.07
CA GLU B 142 -20.51 -3.47 -5.04
C GLU B 142 -19.52 -4.41 -4.35
N GLU B 143 -18.66 -3.91 -3.37
CA GLU B 143 -17.62 -4.67 -2.65
C GLU B 143 -18.20 -5.64 -1.65
N THR B 144 -19.36 -5.31 -1.08
CA THR B 144 -20.09 -6.18 -0.15
C THR B 144 -20.81 -7.31 -0.93
N PHE B 145 -21.24 -7.01 -2.16
CA PHE B 145 -21.83 -7.99 -3.04
C PHE B 145 -20.78 -9.05 -3.48
N LYS B 146 -19.48 -8.71 -3.51
CA LYS B 146 -18.42 -9.65 -3.85
C LYS B 146 -18.21 -10.69 -2.72
N LEU B 147 -18.54 -10.32 -1.47
CA LEU B 147 -18.51 -11.20 -0.29
C LEU B 147 -19.70 -12.16 -0.29
N SER B 148 -20.83 -11.76 -0.94
CA SER B 148 -22.08 -12.53 -1.07
C SER B 148 -21.89 -13.84 -1.80
N TYR B 149 -20.87 -13.92 -2.65
CA TYR B 149 -20.58 -15.12 -3.39
C TYR B 149 -19.90 -16.18 -2.50
N GLY B 150 -20.15 -17.43 -2.85
CA GLY B 150 -19.54 -18.53 -2.13
C GLY B 150 -18.11 -18.81 -2.56
N ILE B 151 -17.35 -19.52 -1.70
CA ILE B 151 -15.97 -19.92 -1.92
C ILE B 151 -15.91 -21.10 -2.91
N ALA B 152 -14.94 -21.06 -3.82
CA ALA B 152 -14.76 -22.12 -4.79
C ALA B 152 -13.52 -22.88 -4.33
N THR B 153 -13.64 -24.16 -4.04
CA THR B 153 -12.52 -24.97 -3.57
C THR B 153 -12.13 -25.98 -4.69
N VAL B 154 -10.85 -26.39 -4.77
CA VAL B 154 -10.37 -27.37 -5.76
C VAL B 154 -10.70 -28.80 -5.28
N ARG B 155 -11.44 -29.56 -6.11
CA ARG B 155 -11.81 -30.95 -5.80
C ARG B 155 -10.84 -31.95 -6.42
N GLU B 156 -10.40 -31.65 -7.65
CA GLU B 156 -9.54 -32.51 -8.44
C GLU B 156 -8.74 -31.65 -9.39
N VAL B 157 -7.45 -31.91 -9.51
CA VAL B 157 -6.62 -31.18 -10.47
C VAL B 157 -6.59 -31.99 -11.77
N LEU B 158 -7.76 -32.09 -12.46
CA LEU B 158 -8.00 -32.84 -13.72
C LEU B 158 -6.76 -32.92 -14.65
N SER B 159 -6.20 -31.75 -14.94
CA SER B 159 -5.01 -31.54 -15.74
C SER B 159 -4.45 -30.14 -15.39
N ASP B 160 -3.38 -29.71 -16.06
CA ASP B 160 -2.88 -28.35 -15.89
C ASP B 160 -3.83 -27.47 -16.75
N ARG B 161 -4.14 -26.26 -16.29
CA ARG B 161 -5.09 -25.36 -16.95
C ARG B 161 -6.55 -25.79 -16.78
N GLU B 162 -6.84 -26.99 -16.23
CA GLU B 162 -8.21 -27.47 -16.00
C GLU B 162 -8.42 -28.09 -14.59
N LEU B 163 -9.47 -27.62 -13.87
CA LEU B 163 -9.87 -28.00 -12.49
C LEU B 163 -11.29 -28.61 -12.41
N HIS B 164 -11.68 -29.03 -11.20
CA HIS B 164 -13.01 -29.54 -10.85
C HIS B 164 -13.34 -28.78 -9.57
N LEU B 165 -14.21 -27.75 -9.60
CA LEU B 165 -14.47 -26.94 -8.40
C LEU B 165 -15.67 -27.35 -7.55
N SER B 166 -15.53 -27.20 -6.22
CA SER B 166 -16.59 -27.47 -5.25
C SER B 166 -17.05 -26.13 -4.68
N TRP B 167 -18.35 -25.83 -4.79
CA TRP B 167 -18.88 -24.53 -4.37
C TRP B 167 -19.50 -24.53 -3.00
N GLU B 168 -19.48 -23.37 -2.35
CA GLU B 168 -20.06 -23.18 -1.03
C GLU B 168 -21.59 -23.25 -1.08
N VAL B 169 -22.19 -24.00 -0.14
CA VAL B 169 -23.63 -24.17 -0.06
C VAL B 169 -24.30 -22.92 0.58
N GLY B 170 -25.52 -22.61 0.12
CA GLY B 170 -26.25 -21.46 0.63
C GLY B 170 -25.93 -20.16 -0.09
N LYS B 171 -24.64 -19.94 -0.42
CA LYS B 171 -24.19 -18.73 -1.10
C LYS B 171 -24.14 -18.92 -2.63
N PRO B 172 -24.61 -17.92 -3.41
CA PRO B 172 -24.62 -18.05 -4.88
C PRO B 172 -23.25 -18.06 -5.53
N ARG B 173 -23.20 -18.54 -6.77
CA ARG B 173 -21.94 -18.61 -7.49
C ARG B 173 -21.77 -17.43 -8.48
N PRO B 174 -20.55 -16.84 -8.49
CA PRO B 174 -20.28 -15.73 -9.42
C PRO B 174 -20.11 -16.13 -10.87
N PRO B 175 -20.39 -15.19 -11.79
CA PRO B 175 -20.21 -15.49 -13.22
C PRO B 175 -18.74 -15.76 -13.55
N LEU B 176 -18.48 -16.76 -14.38
CA LEU B 176 -17.11 -17.10 -14.75
C LEU B 176 -16.69 -16.58 -16.13
N ASN B 177 -15.77 -15.58 -16.12
CA ASN B 177 -15.18 -14.88 -17.27
C ASN B 177 -13.97 -14.02 -16.82
N ARG B 178 -13.26 -13.34 -17.76
CA ARG B 178 -12.11 -12.49 -17.40
C ARG B 178 -12.51 -11.29 -16.52
N ASN B 179 -13.79 -10.88 -16.56
CA ASN B 179 -14.40 -9.77 -15.82
C ASN B 179 -14.46 -10.01 -14.29
N TYR B 180 -14.23 -11.25 -13.84
CA TYR B 180 -14.25 -11.62 -12.42
C TYR B 180 -12.90 -12.28 -12.07
N VAL B 181 -12.01 -11.59 -11.34
CA VAL B 181 -10.72 -12.16 -10.99
C VAL B 181 -10.68 -12.73 -9.55
N PHE B 182 -10.50 -14.05 -9.44
CA PHE B 182 -10.43 -14.85 -8.20
C PHE B 182 -9.04 -14.83 -7.59
N THR B 183 -8.91 -15.24 -6.34
CA THR B 183 -7.62 -15.24 -5.66
C THR B 183 -7.45 -16.49 -4.88
N GLY B 184 -6.52 -17.31 -5.32
CA GLY B 184 -6.23 -18.60 -4.72
C GLY B 184 -5.55 -18.49 -3.38
N TYR B 185 -5.74 -19.52 -2.53
CA TYR B 185 -5.17 -19.61 -1.18
C TYR B 185 -4.89 -21.08 -0.82
N ARG B 186 -3.84 -21.37 -0.01
CA ARG B 186 -3.51 -22.74 0.44
C ARG B 186 -3.71 -22.88 1.96
N VAL B 187 -4.37 -23.95 2.41
CA VAL B 187 -4.71 -24.14 3.83
C VAL B 187 -3.46 -24.35 4.69
N THR B 188 -2.86 -23.27 5.26
CA THR B 188 -1.61 -23.33 6.07
C THR B 188 -1.79 -24.00 7.46
N LYS B 189 -0.66 -24.16 8.24
CA LYS B 189 -0.61 -24.68 9.61
C LYS B 189 -1.78 -24.16 10.46
N ASN B 190 -2.11 -22.85 10.34
CA ASN B 190 -3.27 -22.28 11.03
C ASN B 190 -3.78 -20.94 10.42
N SER B 191 -3.76 -20.80 9.07
CA SER B 191 -4.30 -19.64 8.33
C SER B 191 -4.29 -19.87 6.78
N LYS B 192 -4.34 -18.81 5.95
CA LYS B 192 -4.34 -18.93 4.49
C LYS B 192 -3.18 -18.18 3.80
N VAL B 193 -2.44 -18.86 2.89
CA VAL B 193 -1.33 -18.21 2.18
C VAL B 193 -1.68 -17.97 0.70
N GLN B 194 -1.52 -16.70 0.25
CA GLN B 194 -1.84 -16.22 -1.10
C GLN B 194 -1.20 -17.06 -2.19
N ILE B 195 -2.02 -17.52 -3.13
CA ILE B 195 -1.56 -18.35 -4.23
C ILE B 195 -1.76 -17.63 -5.62
N GLY B 196 -2.10 -16.34 -5.61
CA GLY B 196 -2.19 -15.55 -6.83
C GLY B 196 -3.57 -15.31 -7.39
N GLU B 197 -3.65 -14.44 -8.42
CA GLU B 197 -4.92 -14.14 -9.07
C GLU B 197 -5.20 -15.15 -10.17
N TYR B 198 -6.46 -15.56 -10.28
CA TYR B 198 -6.92 -16.56 -11.23
C TYR B 198 -8.19 -16.18 -11.91
N THR B 199 -8.31 -16.51 -13.17
CA THR B 199 -9.57 -16.32 -13.89
C THR B 199 -10.07 -17.70 -14.34
N PHE B 200 -11.39 -17.83 -14.54
CA PHE B 200 -11.96 -19.12 -14.89
C PHE B 200 -13.00 -19.05 -16.04
N GLU B 201 -13.27 -20.20 -16.66
CA GLU B 201 -14.23 -20.40 -17.76
C GLU B 201 -14.58 -21.92 -17.81
N LYS B 202 -15.86 -22.28 -18.07
CA LYS B 202 -16.31 -23.68 -18.15
C LYS B 202 -15.41 -24.55 -19.08
N GLY B 203 -15.49 -25.88 -18.94
CA GLY B 203 -14.71 -26.82 -19.75
C GLY B 203 -15.50 -27.94 -20.40
N ALA B 208 -16.03 -28.46 -12.77
CA ALA B 208 -15.47 -28.79 -14.10
C ALA B 208 -15.12 -27.47 -14.83
N VAL B 209 -14.00 -26.83 -14.44
CA VAL B 209 -13.62 -25.50 -14.97
C VAL B 209 -12.21 -25.47 -15.64
N VAL B 210 -11.86 -24.35 -16.33
CA VAL B 210 -10.59 -24.09 -17.02
C VAL B 210 -9.97 -22.74 -16.54
N TYR B 211 -8.79 -22.77 -15.89
CA TYR B 211 -8.20 -21.57 -15.31
C TYR B 211 -7.12 -20.87 -16.13
N ARG B 212 -7.18 -19.53 -16.16
CA ARG B 212 -6.22 -18.64 -16.85
C ARG B 212 -5.42 -17.92 -15.76
N GLY B 213 -4.65 -18.72 -15.03
CA GLY B 213 -3.84 -18.23 -13.93
C GLY B 213 -2.80 -17.20 -14.31
N THR B 214 -2.79 -16.08 -13.57
CA THR B 214 -1.82 -14.99 -13.75
C THR B 214 -0.41 -15.52 -13.41
N THR B 215 -0.31 -16.24 -12.29
CA THR B 215 0.93 -16.86 -11.86
C THR B 215 0.94 -18.33 -12.27
N THR B 216 2.14 -18.90 -12.39
CA THR B 216 2.31 -20.30 -12.73
C THR B 216 2.43 -21.15 -11.45
N TYR B 217 1.39 -21.93 -11.10
CA TYR B 217 1.42 -22.75 -9.89
C TYR B 217 1.06 -24.21 -10.13
N LYS B 218 1.68 -25.12 -9.35
CA LYS B 218 1.39 -26.55 -9.37
C LYS B 218 0.31 -26.72 -8.29
N LEU B 219 -0.84 -25.99 -8.47
CA LEU B 219 -1.94 -25.94 -7.52
C LEU B 219 -2.63 -27.30 -7.33
N ASN B 220 -2.61 -27.73 -6.09
CA ASN B 220 -3.17 -28.98 -5.60
C ASN B 220 -4.59 -28.79 -5.04
N VAL B 221 -5.20 -29.87 -4.62
CA VAL B 221 -6.57 -29.93 -4.10
C VAL B 221 -6.68 -29.26 -2.71
N GLY B 222 -7.85 -28.67 -2.41
CA GLY B 222 -8.06 -28.01 -1.12
C GLY B 222 -7.85 -26.50 -1.16
N ASP B 223 -7.25 -26.00 -2.24
CA ASP B 223 -7.03 -24.58 -2.41
C ASP B 223 -8.35 -23.93 -2.78
N TYR B 224 -8.62 -22.76 -2.23
CA TYR B 224 -9.86 -22.06 -2.50
C TYR B 224 -9.64 -20.71 -3.21
N PHE B 225 -10.72 -20.14 -3.80
CA PHE B 225 -10.73 -18.93 -4.61
C PHE B 225 -11.84 -17.92 -4.27
N VAL B 226 -11.47 -16.69 -3.89
CA VAL B 226 -12.47 -15.65 -3.58
C VAL B 226 -12.22 -14.43 -4.47
N LEU B 227 -13.26 -13.63 -4.78
CA LEU B 227 -13.08 -12.41 -5.54
C LEU B 227 -12.43 -11.41 -4.59
N THR B 228 -11.23 -10.88 -4.93
CA THR B 228 -10.52 -9.96 -4.02
C THR B 228 -11.17 -8.59 -3.94
N SER B 229 -11.96 -8.39 -2.88
CA SER B 229 -12.60 -7.11 -2.64
C SER B 229 -11.68 -6.18 -1.80
N HIS B 230 -12.01 -4.89 -1.75
CA HIS B 230 -11.20 -3.93 -1.03
C HIS B 230 -12.01 -2.94 -0.23
N THR B 231 -11.35 -2.31 0.76
CA THR B 231 -11.96 -1.30 1.63
C THR B 231 -12.23 -0.02 0.79
N VAL B 232 -13.47 0.49 0.82
CA VAL B 232 -13.85 1.70 0.10
C VAL B 232 -13.51 2.89 1.01
N MET B 233 -12.67 3.79 0.54
CA MET B 233 -12.26 4.96 1.31
C MET B 233 -13.19 6.12 1.07
N PRO B 234 -13.33 7.04 2.04
CA PRO B 234 -14.21 8.20 1.84
C PRO B 234 -13.68 9.18 0.79
N LEU B 235 -14.62 9.89 0.15
CA LEU B 235 -14.31 10.84 -0.90
C LEU B 235 -14.35 12.23 -0.35
N SER B 236 -13.28 12.97 -0.60
CA SER B 236 -13.13 14.32 -0.13
C SER B 236 -13.26 15.34 -1.28
N ALA B 237 -12.46 15.19 -2.35
CA ALA B 237 -12.40 16.10 -3.52
C ALA B 237 -13.53 15.91 -4.53
N PRO B 238 -13.90 16.96 -5.31
CA PRO B 238 -14.97 16.77 -6.32
C PRO B 238 -14.56 15.90 -7.49
N THR B 239 -15.54 15.40 -8.26
CA THR B 239 -15.31 14.58 -9.47
C THR B 239 -14.62 15.45 -10.53
N LEU B 240 -15.06 16.72 -10.62
CA LEU B 240 -14.50 17.76 -11.47
C LEU B 240 -14.20 19.03 -10.66
N VAL B 241 -12.98 19.53 -10.79
CA VAL B 241 -12.61 20.80 -10.18
C VAL B 241 -13.41 21.92 -10.89
N PRO B 242 -13.66 23.07 -10.24
CA PRO B 242 -14.36 24.16 -10.95
C PRO B 242 -13.58 24.63 -12.18
N GLN B 243 -14.27 24.69 -13.35
CA GLN B 243 -13.64 25.08 -14.60
C GLN B 243 -13.11 26.51 -14.59
N GLU B 244 -11.99 26.74 -15.25
CA GLU B 244 -11.39 28.04 -15.38
C GLU B 244 -10.92 28.18 -16.84
N HIS B 245 -11.16 29.33 -17.45
CA HIS B 245 -10.71 29.60 -18.82
C HIS B 245 -9.70 30.70 -18.77
N TYR B 246 -8.58 30.52 -19.45
CA TYR B 246 -7.48 31.49 -19.43
C TYR B 246 -7.27 32.16 -20.82
N VAL B 247 -6.76 33.42 -20.83
CA VAL B 247 -6.55 34.18 -22.08
C VAL B 247 -5.14 33.85 -22.73
N ARG B 248 -4.18 33.39 -21.92
CA ARG B 248 -2.90 32.94 -22.39
C ARG B 248 -2.67 31.52 -21.86
N ILE B 249 -1.66 30.79 -22.41
CA ILE B 249 -1.26 29.48 -21.88
C ILE B 249 -0.65 29.76 -20.50
N THR B 250 -1.20 29.11 -19.45
CA THR B 250 -0.83 29.35 -18.06
C THR B 250 0.09 28.30 -17.41
N GLY B 251 1.25 28.73 -16.92
CA GLY B 251 2.17 27.85 -16.21
C GLY B 251 2.89 26.80 -17.04
N LEU B 252 2.64 26.83 -18.35
CA LEU B 252 3.24 25.89 -19.28
C LEU B 252 4.06 26.68 -20.31
N TYR B 253 5.21 26.11 -20.75
CA TYR B 253 6.05 26.81 -21.72
C TYR B 253 6.31 25.93 -22.95
N PRO B 254 5.65 26.30 -24.08
CA PRO B 254 5.75 25.51 -25.31
C PRO B 254 7.06 25.58 -26.06
N THR B 255 7.34 24.52 -26.82
CA THR B 255 8.54 24.38 -27.63
C THR B 255 8.44 25.25 -28.87
N LEU B 256 9.59 25.54 -29.49
CA LEU B 256 9.58 26.26 -30.77
C LEU B 256 9.69 25.26 -31.93
N ASN B 257 10.50 24.22 -31.74
CA ASN B 257 10.72 23.21 -32.73
C ASN B 257 9.92 22.00 -32.36
N ILE B 258 8.86 21.75 -33.14
CA ILE B 258 7.98 20.60 -32.97
C ILE B 258 8.02 19.68 -34.18
N SER B 259 8.04 18.40 -33.89
CA SER B 259 8.02 17.31 -34.85
C SER B 259 6.71 17.36 -35.66
N ASP B 260 6.78 17.05 -36.97
CA ASP B 260 5.58 17.00 -37.83
C ASP B 260 4.65 15.82 -37.55
N GLU B 261 5.07 14.91 -36.67
CA GLU B 261 4.25 13.81 -36.17
C GLU B 261 3.17 14.37 -35.20
N PHE B 262 3.50 15.45 -34.45
CA PHE B 262 2.61 16.09 -33.46
C PHE B 262 2.04 17.42 -33.86
N SER B 263 2.38 17.93 -35.05
CA SER B 263 1.89 19.23 -35.51
C SER B 263 0.36 19.29 -35.71
N SER B 264 -0.29 18.13 -35.90
CA SER B 264 -1.76 18.09 -36.03
C SER B 264 -2.48 18.36 -34.68
N ASN B 265 -1.74 18.29 -33.56
CA ASN B 265 -2.34 18.53 -32.25
C ASN B 265 -1.88 19.82 -31.59
N VAL B 266 -1.15 20.72 -32.31
CA VAL B 266 -0.63 21.97 -31.76
C VAL B 266 -1.73 22.92 -31.28
N ALA B 267 -2.81 23.11 -32.09
CA ALA B 267 -3.93 23.96 -31.69
C ALA B 267 -4.57 23.44 -30.40
N ASN B 268 -4.68 22.09 -30.28
CA ASN B 268 -5.25 21.43 -29.10
C ASN B 268 -4.32 21.46 -27.90
N TYR B 269 -2.99 21.34 -28.09
CA TYR B 269 -2.04 21.45 -26.97
C TYR B 269 -2.10 22.85 -26.36
N GLN B 270 -2.43 23.88 -27.17
CA GLN B 270 -2.62 25.26 -26.76
C GLN B 270 -3.92 25.42 -26.01
N LYS B 271 -4.99 24.74 -26.49
CA LYS B 271 -6.31 24.73 -25.81
C LYS B 271 -6.15 24.18 -24.37
N VAL B 272 -5.26 23.16 -24.21
CA VAL B 272 -4.91 22.53 -22.95
C VAL B 272 -4.32 23.53 -21.94
N GLY B 273 -3.48 24.43 -22.41
CA GLY B 273 -2.88 25.45 -21.55
C GLY B 273 -3.78 26.64 -21.29
N MET B 274 -4.90 26.75 -22.00
CA MET B 274 -5.83 27.88 -21.86
C MET B 274 -7.18 27.58 -21.18
N GLN B 275 -7.20 26.58 -20.31
CA GLN B 275 -8.34 26.17 -19.48
C GLN B 275 -7.83 25.24 -18.37
N LYS B 276 -8.53 25.17 -17.20
CA LYS B 276 -8.12 24.39 -16.04
C LYS B 276 -8.13 22.93 -16.44
N TYR B 277 -9.25 22.49 -17.01
CA TYR B 277 -9.35 21.13 -17.51
C TYR B 277 -9.94 21.12 -18.90
N SER B 278 -9.59 20.07 -19.67
CA SER B 278 -10.11 19.92 -21.01
C SER B 278 -10.46 18.46 -21.33
N THR B 279 -11.45 18.26 -22.17
CA THR B 279 -11.89 16.93 -22.56
C THR B 279 -11.50 16.63 -24.01
N LEU B 280 -11.05 15.40 -24.26
CA LEU B 280 -10.68 14.98 -25.60
C LEU B 280 -11.45 13.73 -25.96
N GLN B 281 -12.34 13.82 -26.96
CA GLN B 281 -13.01 12.63 -27.46
C GLN B 281 -12.20 12.08 -28.65
N GLY B 282 -11.66 10.89 -28.47
CA GLY B 282 -10.88 10.24 -29.52
C GLY B 282 -11.46 8.90 -29.90
N PRO B 283 -12.23 8.89 -31.01
CA PRO B 283 -12.77 7.61 -31.52
C PRO B 283 -11.71 6.55 -31.76
N PRO B 284 -12.07 5.29 -32.06
CA PRO B 284 -11.05 4.26 -32.29
C PRO B 284 -10.00 4.63 -33.34
N GLY B 285 -8.72 4.45 -32.98
CA GLY B 285 -7.60 4.66 -33.88
C GLY B 285 -7.35 6.08 -34.36
N THR B 286 -7.86 7.10 -33.61
CA THR B 286 -7.69 8.51 -33.98
C THR B 286 -6.42 9.14 -33.39
N GLY B 287 -5.68 8.41 -32.52
CA GLY B 287 -4.42 8.87 -31.93
C GLY B 287 -4.42 9.49 -30.55
N LYS B 288 -5.10 8.85 -29.61
CA LYS B 288 -5.17 9.29 -28.22
C LYS B 288 -3.82 9.19 -27.50
N SER B 289 -3.16 8.02 -27.53
CA SER B 289 -1.82 7.86 -26.89
C SER B 289 -0.81 8.85 -27.49
N HIS B 290 -0.88 9.02 -28.81
CA HIS B 290 -0.03 9.91 -29.58
C HIS B 290 -0.23 11.35 -29.09
N PHE B 291 -1.50 11.75 -28.89
CA PHE B 291 -1.85 13.08 -28.37
C PHE B 291 -1.29 13.26 -26.95
N ALA B 292 -1.54 12.28 -26.06
CA ALA B 292 -1.06 12.31 -24.68
C ALA B 292 0.47 12.46 -24.57
N ILE B 293 1.24 11.66 -25.33
CA ILE B 293 2.71 11.72 -25.25
C ILE B 293 3.27 12.94 -25.96
N GLY B 294 2.56 13.42 -26.98
CA GLY B 294 2.94 14.61 -27.73
C GLY B 294 2.77 15.90 -26.96
N LEU B 295 1.87 15.89 -25.98
CA LEU B 295 1.63 17.01 -25.08
C LEU B 295 2.92 17.29 -24.29
N ALA B 296 3.67 16.22 -23.92
CA ALA B 296 4.96 16.27 -23.22
C ALA B 296 6.06 16.89 -24.06
N LEU B 297 6.06 16.61 -25.37
CA LEU B 297 7.05 17.18 -26.27
C LEU B 297 6.72 18.66 -26.58
N TYR B 298 5.43 19.03 -26.52
CA TYR B 298 5.02 20.41 -26.74
C TYR B 298 5.34 21.27 -25.53
N TYR B 299 5.15 20.77 -24.29
CA TYR B 299 5.52 21.51 -23.07
C TYR B 299 6.69 20.73 -22.46
N PRO B 300 7.91 20.89 -23.00
CA PRO B 300 9.02 20.01 -22.60
C PRO B 300 9.52 20.11 -21.17
N SER B 301 9.32 21.28 -20.56
CA SER B 301 9.71 21.58 -19.18
C SER B 301 8.66 21.10 -18.14
N ALA B 302 7.38 20.90 -18.60
CA ALA B 302 6.26 20.52 -17.75
C ALA B 302 6.34 19.12 -17.15
N ARG B 303 5.93 18.99 -15.89
CA ARG B 303 5.85 17.71 -15.19
C ARG B 303 4.46 17.09 -15.47
N ILE B 304 4.42 15.92 -16.12
CA ILE B 304 3.15 15.30 -16.48
C ILE B 304 2.97 13.97 -15.76
N VAL B 305 1.80 13.81 -15.14
CA VAL B 305 1.43 12.58 -14.49
C VAL B 305 0.35 11.93 -15.34
N TYR B 306 0.61 10.71 -15.84
CA TYR B 306 -0.28 9.94 -16.70
C TYR B 306 -0.98 8.92 -15.87
N THR B 307 -2.31 8.96 -15.91
CA THR B 307 -3.15 8.09 -15.11
C THR B 307 -4.29 7.50 -15.94
N ALA B 308 -4.78 6.37 -15.49
CA ALA B 308 -5.91 5.61 -16.02
C ALA B 308 -6.34 4.59 -14.94
N CYS B 309 -7.54 4.02 -15.06
CA CYS B 309 -8.03 3.06 -14.10
C CYS B 309 -7.27 1.72 -14.19
N SER B 310 -7.10 1.18 -15.42
CA SER B 310 -6.46 -0.12 -15.61
C SER B 310 -4.94 -0.07 -15.75
N HIS B 311 -4.27 -1.15 -15.35
CA HIS B 311 -2.81 -1.24 -15.50
C HIS B 311 -2.45 -1.32 -16.97
N ALA B 312 -3.27 -1.98 -17.81
CA ALA B 312 -3.07 -2.09 -19.25
C ALA B 312 -3.15 -0.72 -19.93
N ALA B 313 -4.01 0.23 -19.44
CA ALA B 313 -4.10 1.56 -20.02
C ALA B 313 -2.87 2.36 -19.69
N VAL B 314 -2.38 2.27 -18.43
CA VAL B 314 -1.16 2.97 -17.98
C VAL B 314 0.08 2.43 -18.75
N ASP B 315 0.10 1.10 -19.00
CA ASP B 315 1.13 0.38 -19.73
C ASP B 315 1.16 0.82 -21.19
N ALA B 316 -0.01 1.00 -21.83
CA ALA B 316 -0.08 1.45 -23.22
C ALA B 316 0.49 2.86 -23.31
N LEU B 317 0.23 3.73 -22.29
CA LEU B 317 0.83 5.08 -22.22
C LEU B 317 2.37 5.01 -22.00
N CYS B 318 2.83 4.05 -21.23
CA CYS B 318 4.24 3.79 -20.98
C CYS B 318 4.96 3.38 -22.29
N GLU B 319 4.31 2.51 -23.09
CA GLU B 319 4.89 2.07 -24.35
C GLU B 319 5.02 3.21 -25.31
N LYS B 320 4.01 4.10 -25.39
CA LYS B 320 4.11 5.28 -26.24
C LYS B 320 5.25 6.21 -25.71
N ALA B 321 5.33 6.48 -24.38
CA ALA B 321 6.40 7.31 -23.78
C ALA B 321 7.81 6.73 -23.98
N LEU B 322 7.92 5.40 -24.04
CA LEU B 322 9.20 4.74 -24.26
C LEU B 322 9.77 5.05 -25.67
N LYS B 323 8.90 5.29 -26.65
CA LYS B 323 9.26 5.59 -28.02
C LYS B 323 9.56 7.09 -28.24
N TYR B 324 9.02 8.01 -27.40
CA TYR B 324 9.20 9.45 -27.65
C TYR B 324 9.85 10.27 -26.54
N LEU B 325 9.72 9.83 -25.28
CA LEU B 325 10.23 10.57 -24.14
C LEU B 325 11.49 9.92 -23.53
N PRO B 326 12.43 10.74 -22.99
CA PRO B 326 13.64 10.18 -22.38
C PRO B 326 13.29 9.27 -21.20
N ILE B 327 13.79 8.02 -21.23
CA ILE B 327 13.52 6.97 -20.24
C ILE B 327 13.96 7.32 -18.80
N ASP B 328 15.01 8.12 -18.63
CA ASP B 328 15.47 8.54 -17.30
C ASP B 328 14.50 9.52 -16.64
N LYS B 329 13.72 10.30 -17.45
CA LYS B 329 12.67 11.23 -17.03
C LYS B 329 11.34 10.53 -16.73
N CYS B 330 11.26 9.19 -16.83
CA CYS B 330 10.01 8.44 -16.62
C CYS B 330 10.08 7.53 -15.41
N SER B 331 8.92 7.38 -14.76
CA SER B 331 8.81 6.50 -13.62
C SER B 331 7.45 5.79 -13.60
N ARG B 332 7.48 4.46 -13.50
CA ARG B 332 6.25 3.68 -13.39
C ARG B 332 5.97 3.40 -11.88
N ILE B 333 4.88 4.00 -11.32
CA ILE B 333 4.49 3.82 -9.92
C ILE B 333 3.68 2.53 -9.84
N ILE B 334 4.16 1.58 -9.01
CA ILE B 334 3.56 0.27 -8.81
C ILE B 334 3.27 0.12 -7.32
N PRO B 335 2.00 -0.19 -6.96
CA PRO B 335 1.71 -0.43 -5.53
C PRO B 335 2.35 -1.77 -5.12
N ALA B 336 3.16 -1.79 -4.05
CA ALA B 336 3.79 -3.05 -3.62
C ALA B 336 2.72 -3.98 -3.05
N VAL B 340 0.55 -8.79 -9.73
CA VAL B 340 0.21 -7.92 -10.87
C VAL B 340 1.45 -7.51 -11.70
N GLU B 341 1.61 -8.11 -12.89
CA GLU B 341 2.77 -7.78 -13.72
C GLU B 341 2.45 -6.74 -14.78
N CYS B 342 3.15 -5.63 -14.70
CA CYS B 342 2.95 -4.50 -15.60
C CYS B 342 4.30 -3.98 -16.17
N PHE B 343 4.32 -2.79 -16.78
CA PHE B 343 5.47 -2.15 -17.41
C PHE B 343 6.73 -2.10 -16.52
N ASP B 344 7.84 -2.72 -16.98
CA ASP B 344 9.05 -2.73 -16.15
C ASP B 344 10.24 -2.07 -16.81
N LYS B 345 9.99 -1.15 -17.75
CA LYS B 345 11.11 -0.51 -18.44
C LYS B 345 11.48 0.86 -17.83
N PHE B 346 10.65 1.42 -16.92
CA PHE B 346 10.98 2.69 -16.28
C PHE B 346 11.46 2.44 -14.84
N LYS B 347 12.10 3.45 -14.21
CA LYS B 347 12.48 3.31 -12.80
C LYS B 347 11.19 3.24 -11.96
N VAL B 348 11.08 2.24 -11.08
CA VAL B 348 9.86 2.01 -10.29
C VAL B 348 9.75 2.89 -9.03
N ASN B 349 8.57 3.51 -8.85
CA ASN B 349 8.16 4.30 -7.69
C ASN B 349 8.95 5.59 -7.43
N SER B 350 9.65 6.15 -8.42
CA SER B 350 10.34 7.43 -8.21
C SER B 350 9.30 8.51 -8.47
N THR B 351 8.48 8.83 -7.41
CA THR B 351 7.35 9.78 -7.33
C THR B 351 7.71 11.19 -7.86
N LEU B 352 9.02 11.53 -7.92
CA LEU B 352 9.40 12.87 -8.37
C LEU B 352 9.90 12.98 -9.80
N GLU B 353 9.93 11.85 -10.55
CA GLU B 353 10.36 11.84 -11.94
C GLU B 353 9.45 12.72 -12.78
N GLN B 354 10.02 13.52 -13.73
CA GLN B 354 9.22 14.44 -14.56
C GLN B 354 7.96 13.82 -15.15
N TYR B 355 8.04 12.58 -15.65
CA TYR B 355 6.91 11.85 -16.23
C TYR B 355 6.58 10.68 -15.35
N VAL B 356 5.41 10.70 -14.71
CA VAL B 356 4.99 9.65 -13.79
C VAL B 356 3.81 8.88 -14.36
N PHE B 357 3.93 7.58 -14.50
CA PHE B 357 2.84 6.74 -15.01
C PHE B 357 2.30 5.92 -13.83
N CYS B 358 1.01 6.01 -13.57
CA CYS B 358 0.43 5.38 -12.41
C CYS B 358 -1.08 5.18 -12.52
N THR B 359 -1.61 4.03 -12.03
CA THR B 359 -3.05 3.81 -12.02
C THR B 359 -3.72 4.73 -10.96
N VAL B 360 -5.02 5.04 -11.11
CA VAL B 360 -5.74 5.90 -10.17
C VAL B 360 -5.61 5.43 -8.71
N ASN B 361 -5.87 4.11 -8.44
CA ASN B 361 -5.85 3.48 -7.09
C ASN B 361 -4.46 3.54 -6.39
N ALA B 362 -3.38 3.66 -7.17
CA ALA B 362 -2.03 3.73 -6.64
C ALA B 362 -1.43 5.17 -6.58
N LEU B 363 -2.19 6.18 -7.05
CA LEU B 363 -1.71 7.56 -7.10
C LEU B 363 -1.17 8.10 -5.80
N PRO B 364 0.06 8.60 -5.80
CA PRO B 364 0.61 9.24 -4.61
C PRO B 364 0.13 10.69 -4.47
N GLU B 365 0.34 11.28 -3.30
CA GLU B 365 -0.08 12.64 -3.06
C GLU B 365 1.01 13.52 -3.55
N THR B 366 0.78 14.20 -4.68
CA THR B 366 1.75 15.06 -5.36
C THR B 366 1.04 16.14 -6.23
N THR B 367 1.83 17.00 -6.89
CA THR B 367 1.38 18.04 -7.79
C THR B 367 2.01 17.82 -9.19
N ALA B 368 1.44 18.47 -10.21
CA ALA B 368 1.93 18.38 -11.58
C ALA B 368 1.55 19.63 -12.38
N ASP B 369 2.19 19.85 -13.54
CA ASP B 369 1.81 20.97 -14.40
C ASP B 369 0.60 20.50 -15.23
N ILE B 370 0.65 19.26 -15.76
CA ILE B 370 -0.46 18.62 -16.46
C ILE B 370 -0.71 17.24 -15.86
N VAL B 371 -1.97 16.86 -15.70
CA VAL B 371 -2.36 15.51 -15.32
C VAL B 371 -3.16 14.99 -16.53
N VAL B 372 -2.73 13.86 -17.12
CA VAL B 372 -3.46 13.24 -18.23
C VAL B 372 -4.23 12.00 -17.71
N PHE B 373 -5.57 12.01 -17.79
CA PHE B 373 -6.41 10.87 -17.39
C PHE B 373 -6.96 10.24 -18.67
N ASP B 374 -6.43 9.05 -19.05
CA ASP B 374 -6.82 8.30 -20.24
C ASP B 374 -7.92 7.25 -19.96
N GLU B 375 -8.59 6.80 -21.04
CA GLU B 375 -9.70 5.84 -21.07
C GLU B 375 -10.81 6.31 -20.14
N ILE B 376 -11.25 7.56 -20.34
CA ILE B 376 -12.21 8.26 -19.49
C ILE B 376 -13.61 7.61 -19.48
N SER B 377 -14.01 6.79 -20.50
CA SER B 377 -15.32 6.12 -20.38
C SER B 377 -15.31 5.00 -19.30
N MET B 378 -14.10 4.45 -19.00
CA MET B 378 -13.93 3.43 -17.98
C MET B 378 -13.88 3.98 -16.54
N ALA B 379 -13.71 5.30 -16.38
CA ALA B 379 -13.67 5.90 -15.05
C ALA B 379 -15.05 5.96 -14.47
N THR B 380 -15.14 5.81 -13.13
CA THR B 380 -16.37 6.01 -12.39
C THR B 380 -16.19 7.39 -11.69
N ASN B 381 -17.25 7.91 -11.05
CA ASN B 381 -17.10 9.15 -10.29
C ASN B 381 -16.19 8.98 -9.09
N TYR B 382 -16.08 7.73 -8.57
CA TYR B 382 -15.18 7.40 -7.49
C TYR B 382 -13.73 7.68 -7.93
N ASP B 383 -13.36 7.23 -9.11
CA ASP B 383 -12.04 7.42 -9.68
C ASP B 383 -11.78 8.91 -9.99
N LEU B 384 -12.78 9.62 -10.52
CA LEU B 384 -12.68 11.06 -10.80
C LEU B 384 -12.29 11.83 -9.53
N SER B 385 -12.99 11.54 -8.40
CA SER B 385 -12.73 12.14 -7.09
C SER B 385 -11.32 11.81 -6.54
N VAL B 386 -10.91 10.53 -6.60
CA VAL B 386 -9.60 10.11 -6.12
C VAL B 386 -8.47 10.85 -6.85
N VAL B 387 -8.58 11.01 -8.19
CA VAL B 387 -7.56 11.74 -8.93
C VAL B 387 -7.48 13.19 -8.45
N ASN B 388 -8.64 13.86 -8.31
CA ASN B 388 -8.66 15.24 -7.83
C ASN B 388 -8.13 15.40 -6.38
N ALA B 389 -8.22 14.34 -5.57
CA ALA B 389 -7.77 14.33 -4.18
C ALA B 389 -6.27 14.04 -4.02
N ARG B 390 -5.71 13.20 -4.92
CA ARG B 390 -4.30 12.82 -4.86
C ARG B 390 -3.36 13.79 -5.62
N LEU B 391 -3.86 14.38 -6.74
CA LEU B 391 -3.10 15.25 -7.65
C LEU B 391 -3.60 16.68 -7.73
N ARG B 392 -2.72 17.66 -7.48
CA ARG B 392 -3.09 19.08 -7.61
C ARG B 392 -2.32 19.67 -8.81
N ALA B 393 -2.99 19.79 -9.96
CA ALA B 393 -2.34 20.23 -11.17
C ALA B 393 -2.82 21.56 -11.73
N LYS B 394 -1.92 22.26 -12.47
CA LYS B 394 -2.26 23.50 -13.15
C LYS B 394 -3.31 23.17 -14.26
N HIS B 395 -3.15 21.99 -14.93
CA HIS B 395 -4.00 21.51 -16.02
C HIS B 395 -4.36 20.05 -15.92
N TYR B 396 -5.63 19.71 -16.17
CA TYR B 396 -6.13 18.34 -16.17
C TYR B 396 -6.69 18.02 -17.57
N VAL B 397 -6.20 16.97 -18.22
CA VAL B 397 -6.69 16.57 -19.54
C VAL B 397 -7.34 15.19 -19.45
N TYR B 398 -8.60 15.08 -19.87
CA TYR B 398 -9.35 13.83 -19.83
C TYR B 398 -9.50 13.32 -21.24
N ILE B 399 -8.86 12.21 -21.56
CA ILE B 399 -8.88 11.55 -22.88
C ILE B 399 -9.67 10.23 -22.80
N GLY B 400 -10.48 9.98 -23.82
CA GLY B 400 -11.31 8.81 -23.90
C GLY B 400 -12.38 9.00 -24.96
N ASP B 401 -13.47 8.22 -24.87
CA ASP B 401 -14.53 8.31 -25.86
C ASP B 401 -15.83 7.82 -25.25
N PRO B 402 -16.84 8.72 -25.07
CA PRO B 402 -18.13 8.28 -24.47
C PRO B 402 -18.90 7.31 -25.35
N ALA B 403 -18.48 7.12 -26.61
CA ALA B 403 -19.06 6.14 -27.51
C ALA B 403 -18.40 4.74 -27.34
N GLN B 404 -17.45 4.58 -26.39
CA GLN B 404 -16.84 3.30 -26.08
C GLN B 404 -17.40 2.73 -24.76
N LEU B 405 -16.91 1.55 -24.38
CA LEU B 405 -17.42 0.86 -23.22
C LEU B 405 -17.04 1.49 -21.85
N PRO B 406 -18.06 1.56 -20.96
CA PRO B 406 -17.83 2.09 -19.61
C PRO B 406 -17.35 1.00 -18.66
N ALA B 407 -17.09 1.38 -17.38
CA ALA B 407 -16.72 0.43 -16.34
C ALA B 407 -17.91 -0.46 -16.10
N PRO B 408 -17.70 -1.76 -15.93
CA PRO B 408 -18.85 -2.65 -15.66
C PRO B 408 -19.56 -2.27 -14.36
N ARG B 409 -20.89 -2.10 -14.43
CA ARG B 409 -21.68 -1.80 -13.26
C ARG B 409 -22.31 -3.12 -12.88
N THR B 410 -21.54 -3.92 -12.11
CA THR B 410 -21.85 -5.29 -11.73
C THR B 410 -23.15 -5.47 -10.99
N LEU B 411 -23.73 -4.40 -10.41
CA LEU B 411 -25.02 -4.51 -9.70
C LEU B 411 -26.19 -4.24 -10.62
N LEU B 412 -26.00 -3.38 -11.64
CA LEU B 412 -27.00 -2.93 -12.59
C LEU B 412 -27.57 -4.03 -13.49
N THR B 413 -28.87 -4.29 -13.32
CA THR B 413 -29.61 -5.31 -14.06
C THR B 413 -30.86 -4.78 -14.76
N LYS B 414 -31.35 -3.59 -14.39
CA LYS B 414 -32.57 -3.05 -14.97
C LYS B 414 -32.33 -1.71 -15.61
N GLY B 415 -32.61 -1.63 -16.90
CA GLY B 415 -32.41 -0.39 -17.65
C GLY B 415 -31.01 -0.32 -18.21
N THR B 416 -30.79 0.59 -19.17
CA THR B 416 -29.49 0.78 -19.79
C THR B 416 -28.89 2.11 -19.38
N LEU B 417 -27.60 2.09 -19.04
CA LEU B 417 -26.85 3.27 -18.63
C LEU B 417 -26.35 4.05 -19.85
N GLU B 418 -26.93 5.22 -20.16
CA GLU B 418 -26.48 6.01 -21.32
C GLU B 418 -25.08 6.65 -21.10
N PRO B 419 -24.31 6.93 -22.21
CA PRO B 419 -22.96 7.53 -22.06
C PRO B 419 -22.89 8.79 -21.21
N GLU B 420 -23.92 9.65 -21.26
CA GLU B 420 -23.94 10.86 -20.43
C GLU B 420 -23.95 10.57 -18.92
N TYR B 421 -24.07 9.30 -18.53
CA TYR B 421 -24.14 8.93 -17.13
C TYR B 421 -22.95 8.05 -16.66
N PHE B 422 -21.93 7.84 -17.52
CA PHE B 422 -20.78 7.01 -17.16
C PHE B 422 -20.03 7.67 -16.01
N ASN B 423 -19.75 8.95 -16.15
CA ASN B 423 -19.11 9.76 -15.14
C ASN B 423 -19.37 11.25 -15.47
N SER B 424 -18.86 12.18 -14.61
CA SER B 424 -19.02 13.61 -14.81
C SER B 424 -18.32 14.10 -16.09
N VAL B 425 -17.20 13.46 -16.51
CA VAL B 425 -16.49 13.84 -17.73
C VAL B 425 -17.29 13.43 -18.98
N CYS B 426 -17.83 12.22 -18.97
CA CYS B 426 -18.67 11.75 -20.08
C CYS B 426 -19.99 12.53 -20.14
N ARG B 427 -20.51 12.94 -18.97
CA ARG B 427 -21.70 13.78 -18.88
C ARG B 427 -21.44 15.11 -19.61
N LEU B 428 -20.25 15.69 -19.43
CA LEU B 428 -19.86 16.90 -20.13
C LEU B 428 -19.65 16.66 -21.65
N MET B 429 -18.90 15.62 -22.04
CA MET B 429 -18.66 15.28 -23.44
C MET B 429 -19.94 15.01 -24.24
N LYS B 430 -21.03 14.61 -23.58
CA LYS B 430 -22.29 14.31 -24.23
C LYS B 430 -23.30 15.45 -24.18
N THR B 431 -23.10 16.44 -23.29
CA THR B 431 -24.04 17.55 -23.14
C THR B 431 -23.50 18.85 -23.82
N ILE B 432 -22.39 19.40 -23.29
CA ILE B 432 -21.72 20.61 -23.83
C ILE B 432 -20.75 20.27 -25.01
N GLY B 433 -20.48 18.97 -25.23
CA GLY B 433 -19.54 18.46 -26.21
C GLY B 433 -18.12 18.41 -25.69
N PRO B 434 -17.22 17.65 -26.33
CA PRO B 434 -15.82 17.65 -25.88
C PRO B 434 -15.10 18.93 -26.32
N ASP B 435 -14.06 19.31 -25.57
CA ASP B 435 -13.29 20.50 -25.94
C ASP B 435 -12.47 20.22 -27.22
N MET B 436 -11.92 19.00 -27.31
CA MET B 436 -11.14 18.62 -28.45
C MET B 436 -11.61 17.30 -29.01
N PHE B 437 -11.56 17.17 -30.35
CA PHE B 437 -12.00 15.94 -30.99
C PHE B 437 -10.96 15.42 -32.00
N LEU B 438 -10.48 14.15 -31.85
CA LEU B 438 -9.59 13.55 -32.87
C LEU B 438 -10.50 12.95 -33.97
N GLY B 439 -10.58 13.65 -35.10
CA GLY B 439 -11.50 13.31 -36.17
C GLY B 439 -11.08 12.40 -37.28
N THR B 440 -9.81 11.99 -37.35
CA THR B 440 -9.42 11.09 -38.42
C THR B 440 -8.96 9.73 -37.89
N CYS B 441 -9.76 8.70 -38.24
CA CYS B 441 -9.51 7.31 -37.91
C CYS B 441 -8.48 6.75 -38.86
N ARG B 442 -7.31 6.39 -38.36
CA ARG B 442 -6.23 5.86 -39.20
C ARG B 442 -6.18 4.31 -39.27
N ARG B 443 -6.99 3.63 -38.49
CA ARG B 443 -6.97 2.19 -38.42
C ARG B 443 -7.90 1.44 -39.37
N CYS B 444 -9.17 1.84 -39.40
CA CYS B 444 -10.21 1.05 -40.03
C CYS B 444 -10.40 1.28 -41.51
N PRO B 445 -10.86 0.20 -42.22
CA PRO B 445 -11.34 0.38 -43.60
C PRO B 445 -12.52 1.37 -43.59
N ALA B 446 -12.68 2.20 -44.63
CA ALA B 446 -13.74 3.19 -44.67
C ALA B 446 -15.15 2.66 -44.42
N GLU B 447 -15.47 1.39 -44.77
CA GLU B 447 -16.82 0.84 -44.52
C GLU B 447 -17.15 0.87 -43.02
N ILE B 448 -16.17 0.50 -42.16
CA ILE B 448 -16.30 0.50 -40.71
C ILE B 448 -16.38 1.95 -40.20
N VAL B 449 -15.48 2.86 -40.71
CA VAL B 449 -15.46 4.27 -40.31
C VAL B 449 -16.78 5.00 -40.64
N ASP B 450 -17.32 4.77 -41.85
CA ASP B 450 -18.58 5.39 -42.28
C ASP B 450 -19.76 4.93 -41.40
N THR B 451 -19.75 3.64 -40.97
CA THR B 451 -20.80 3.05 -40.13
C THR B 451 -20.83 3.62 -38.73
N VAL B 452 -19.66 3.60 -38.02
CA VAL B 452 -19.58 4.09 -36.63
C VAL B 452 -19.68 5.62 -36.58
N SER B 453 -19.23 6.31 -37.62
CA SER B 453 -19.35 7.75 -37.74
C SER B 453 -20.81 8.18 -37.67
N ALA B 454 -21.69 7.50 -38.42
CA ALA B 454 -23.12 7.77 -38.44
C ALA B 454 -23.83 7.22 -37.19
N LEU B 455 -23.33 6.08 -36.66
CA LEU B 455 -23.91 5.41 -35.50
C LEU B 455 -23.71 6.16 -34.17
N VAL B 456 -22.48 6.63 -33.87
CA VAL B 456 -22.22 7.25 -32.56
C VAL B 456 -21.52 8.64 -32.56
N TYR B 457 -20.93 9.07 -33.70
CA TYR B 457 -20.13 10.30 -33.80
C TYR B 457 -20.74 11.46 -34.61
N ASP B 458 -22.07 11.49 -34.91
CA ASP B 458 -22.64 12.65 -35.66
C ASP B 458 -22.01 12.90 -37.06
N ASN B 459 -21.54 11.84 -37.74
CA ASN B 459 -20.87 11.93 -39.04
C ASN B 459 -19.59 12.78 -39.01
N LYS B 460 -18.99 13.04 -37.80
CA LYS B 460 -17.75 13.83 -37.72
C LYS B 460 -16.46 12.99 -37.71
N LEU B 461 -16.57 11.65 -37.79
CA LEU B 461 -15.39 10.80 -37.85
C LEU B 461 -15.11 10.50 -39.33
N LYS B 462 -13.93 10.89 -39.80
CA LYS B 462 -13.51 10.73 -41.18
C LYS B 462 -12.58 9.52 -41.33
N ALA B 463 -12.63 8.87 -42.49
CA ALA B 463 -11.80 7.71 -42.75
C ALA B 463 -10.52 8.12 -43.44
N HIS B 464 -9.39 7.62 -42.96
CA HIS B 464 -8.08 7.87 -43.57
C HIS B 464 -7.80 6.76 -44.62
N LYS B 465 -8.13 5.51 -44.30
CA LYS B 465 -7.99 4.42 -45.24
C LYS B 465 -9.16 4.47 -46.25
N ASP B 466 -8.96 3.84 -47.39
CA ASP B 466 -10.02 3.70 -48.38
C ASP B 466 -10.89 2.50 -47.93
N LYS B 467 -12.04 2.29 -48.60
CA LYS B 467 -12.91 1.14 -48.38
C LYS B 467 -12.07 -0.10 -48.77
N SER B 468 -11.93 -1.06 -47.84
CA SER B 468 -11.11 -2.23 -48.10
C SER B 468 -11.76 -3.27 -49.01
N ALA B 469 -13.12 -3.23 -49.13
CA ALA B 469 -13.96 -4.23 -49.82
C ALA B 469 -13.82 -5.62 -49.17
N GLN B 470 -13.51 -5.64 -47.87
CA GLN B 470 -13.32 -6.81 -47.03
C GLN B 470 -14.16 -6.75 -45.75
N CYS B 471 -15.26 -5.96 -45.78
CA CYS B 471 -16.16 -5.82 -44.66
C CYS B 471 -17.51 -6.41 -45.13
N PHE B 472 -17.94 -7.51 -44.49
CA PHE B 472 -19.14 -8.28 -44.80
C PHE B 472 -20.12 -8.40 -43.65
N LYS B 473 -21.39 -8.55 -43.97
CA LYS B 473 -22.44 -8.71 -42.99
C LYS B 473 -23.38 -9.81 -43.44
N MET B 474 -23.83 -10.65 -42.51
N MET B 474 -23.81 -10.67 -42.50
CA MET B 474 -24.82 -11.67 -42.81
CA MET B 474 -24.72 -11.77 -42.78
C MET B 474 -25.85 -11.64 -41.74
C MET B 474 -25.82 -11.71 -41.74
N PHE B 475 -27.10 -11.67 -42.16
CA PHE B 475 -28.21 -11.67 -41.22
C PHE B 475 -28.57 -13.14 -40.94
N TYR B 476 -28.25 -13.63 -39.74
CA TYR B 476 -28.48 -15.02 -39.39
C TYR B 476 -28.83 -15.20 -37.88
N LYS B 477 -30.11 -15.41 -37.57
CA LYS B 477 -30.53 -15.51 -36.17
C LYS B 477 -30.08 -16.81 -35.45
N GLY B 478 -29.95 -17.90 -36.19
CA GLY B 478 -29.47 -19.17 -35.65
C GLY B 478 -30.27 -19.71 -34.48
N VAL B 479 -29.57 -20.31 -33.51
CA VAL B 479 -30.15 -20.92 -32.33
C VAL B 479 -29.40 -20.45 -31.09
N ILE B 480 -30.14 -19.90 -30.14
CA ILE B 480 -29.56 -19.37 -28.92
C ILE B 480 -29.73 -20.31 -27.74
N THR B 481 -28.61 -20.75 -27.19
CA THR B 481 -28.57 -21.59 -26.02
C THR B 481 -27.99 -20.75 -24.88
N HIS B 482 -28.56 -20.93 -23.70
CA HIS B 482 -28.14 -20.20 -22.53
C HIS B 482 -27.54 -21.16 -21.54
N ASP B 483 -26.48 -20.72 -20.87
CA ASP B 483 -25.92 -21.50 -19.77
C ASP B 483 -26.24 -20.71 -18.45
N VAL B 484 -25.35 -20.72 -17.46
CA VAL B 484 -25.62 -20.05 -16.19
C VAL B 484 -25.53 -18.50 -16.27
N SER B 485 -24.62 -17.95 -17.10
CA SER B 485 -24.44 -16.50 -17.17
C SER B 485 -23.93 -16.02 -18.53
N SER B 486 -24.27 -16.74 -19.60
CA SER B 486 -23.82 -16.36 -20.94
C SER B 486 -24.74 -16.94 -22.01
N ALA B 487 -24.53 -16.54 -23.27
CA ALA B 487 -25.26 -17.08 -24.41
C ALA B 487 -24.27 -17.71 -25.41
N ILE B 488 -24.77 -18.71 -26.12
CA ILE B 488 -24.08 -19.43 -27.19
C ILE B 488 -25.02 -19.47 -28.43
N ASN B 489 -24.44 -19.31 -29.62
CA ASN B 489 -25.14 -19.44 -30.88
C ASN B 489 -24.25 -20.30 -31.77
N ARG B 490 -24.38 -21.64 -31.63
CA ARG B 490 -23.62 -22.61 -32.42
C ARG B 490 -23.85 -22.46 -33.93
N PRO B 491 -25.11 -22.29 -34.41
CA PRO B 491 -25.30 -22.09 -35.87
C PRO B 491 -24.56 -20.89 -36.47
N GLN B 492 -24.37 -19.80 -35.69
CA GLN B 492 -23.62 -18.62 -36.13
C GLN B 492 -22.10 -18.94 -36.26
N ILE B 493 -21.58 -19.79 -35.34
CA ILE B 493 -20.19 -20.28 -35.38
C ILE B 493 -20.02 -21.24 -36.58
N GLY B 494 -21.08 -22.00 -36.91
CA GLY B 494 -21.14 -22.89 -38.05
C GLY B 494 -21.11 -22.12 -39.36
N VAL B 495 -21.77 -20.97 -39.40
CA VAL B 495 -21.75 -20.10 -40.56
C VAL B 495 -20.29 -19.58 -40.77
N VAL B 496 -19.59 -19.20 -39.66
CA VAL B 496 -18.20 -18.73 -39.66
C VAL B 496 -17.27 -19.82 -40.16
N ARG B 497 -17.52 -21.05 -39.75
CA ARG B 497 -16.72 -22.21 -40.16
C ARG B 497 -16.89 -22.48 -41.67
N GLU B 498 -18.12 -22.33 -42.20
CA GLU B 498 -18.44 -22.49 -43.62
C GLU B 498 -17.78 -21.38 -44.45
N PHE B 499 -17.72 -20.15 -43.90
CA PHE B 499 -17.09 -19.00 -44.52
C PHE B 499 -15.57 -19.21 -44.53
N LEU B 500 -14.99 -19.72 -43.43
CA LEU B 500 -13.55 -19.90 -43.33
C LEU B 500 -12.98 -20.92 -44.31
N THR B 501 -13.75 -21.99 -44.65
CA THR B 501 -13.28 -22.95 -45.63
C THR B 501 -13.16 -22.26 -47.03
N ARG B 502 -14.17 -21.47 -47.39
CA ARG B 502 -14.19 -20.71 -48.64
C ARG B 502 -13.24 -19.48 -48.65
N ASN B 503 -12.86 -18.93 -47.48
CA ASN B 503 -12.02 -17.73 -47.34
C ASN B 503 -10.86 -17.99 -46.39
N PRO B 504 -9.95 -18.91 -46.72
CA PRO B 504 -8.85 -19.26 -45.80
C PRO B 504 -7.89 -18.13 -45.42
N ALA B 505 -7.89 -17.00 -46.15
CA ALA B 505 -7.09 -15.84 -45.75
C ALA B 505 -7.55 -15.34 -44.35
N TRP B 506 -8.85 -15.53 -44.03
CA TRP B 506 -9.46 -15.14 -42.77
C TRP B 506 -9.08 -16.06 -41.59
N ARG B 507 -8.26 -17.10 -41.77
CA ARG B 507 -7.83 -17.94 -40.66
C ARG B 507 -6.85 -17.17 -39.72
N LYS B 508 -6.28 -16.02 -40.16
CA LYS B 508 -5.49 -15.12 -39.30
C LYS B 508 -6.42 -14.15 -38.44
N ALA B 509 -7.76 -14.27 -38.57
CA ALA B 509 -8.73 -13.44 -37.88
C ALA B 509 -8.91 -13.74 -36.41
N VAL B 510 -9.23 -12.68 -35.65
CA VAL B 510 -9.58 -12.79 -34.24
C VAL B 510 -11.09 -12.88 -34.20
N PHE B 511 -11.63 -13.80 -33.42
CA PHE B 511 -13.06 -13.98 -33.23
C PHE B 511 -13.55 -13.14 -32.03
N ILE B 512 -14.48 -12.22 -32.27
CA ILE B 512 -15.09 -11.37 -31.26
C ILE B 512 -16.61 -11.65 -31.15
N SER B 513 -17.14 -11.66 -29.92
CA SER B 513 -18.57 -11.85 -29.66
C SER B 513 -18.88 -11.16 -28.33
N PRO B 514 -20.16 -10.82 -28.06
CA PRO B 514 -20.48 -10.20 -26.76
C PRO B 514 -20.47 -11.14 -25.55
N TYR B 515 -20.27 -12.46 -25.73
CA TYR B 515 -20.33 -13.46 -24.66
C TYR B 515 -19.10 -14.35 -24.59
N ASN B 516 -18.58 -14.56 -23.38
CA ASN B 516 -17.40 -15.44 -23.22
C ASN B 516 -17.73 -16.93 -23.51
N SER B 517 -18.99 -17.39 -23.30
CA SER B 517 -19.38 -18.77 -23.63
C SER B 517 -19.44 -19.00 -25.12
N GLN B 518 -19.85 -17.98 -25.90
CA GLN B 518 -19.83 -18.04 -27.36
C GLN B 518 -18.38 -18.22 -27.83
N ASN B 519 -17.45 -17.40 -27.29
CA ASN B 519 -16.02 -17.39 -27.54
C ASN B 519 -15.38 -18.74 -27.24
N ALA B 520 -15.78 -19.40 -26.15
CA ALA B 520 -15.24 -20.68 -25.74
C ALA B 520 -15.60 -21.79 -26.74
N VAL B 521 -16.87 -21.78 -27.21
CA VAL B 521 -17.36 -22.73 -28.20
C VAL B 521 -16.69 -22.48 -29.55
N ALA B 522 -16.52 -21.19 -29.92
CA ALA B 522 -15.89 -20.81 -31.18
C ALA B 522 -14.40 -21.12 -31.19
N SER B 523 -13.73 -21.06 -30.02
CA SER B 523 -12.30 -21.37 -29.92
C SER B 523 -12.04 -22.85 -30.19
N LYS B 524 -12.95 -23.73 -29.75
CA LYS B 524 -12.79 -25.17 -29.97
C LYS B 524 -13.13 -25.57 -31.45
N ILE B 525 -14.23 -25.03 -32.01
CA ILE B 525 -14.73 -25.30 -33.36
C ILE B 525 -13.94 -24.63 -34.50
N LEU B 526 -13.58 -23.33 -34.36
CA LEU B 526 -12.86 -22.56 -35.40
C LEU B 526 -11.34 -22.54 -35.16
N GLY B 527 -10.95 -22.53 -33.90
CA GLY B 527 -9.55 -22.48 -33.55
C GLY B 527 -8.95 -21.09 -33.50
N LEU B 528 -9.71 -20.06 -33.96
CA LEU B 528 -9.28 -18.66 -33.97
C LEU B 528 -9.05 -18.14 -32.54
N PRO B 529 -8.17 -17.12 -32.35
CA PRO B 529 -8.08 -16.49 -31.01
C PRO B 529 -9.39 -15.77 -30.72
N THR B 530 -9.86 -15.81 -29.47
CA THR B 530 -11.11 -15.13 -29.13
C THR B 530 -10.87 -13.99 -28.14
N GLN B 531 -11.76 -12.98 -28.20
CA GLN B 531 -11.83 -11.78 -27.37
C GLN B 531 -13.28 -11.41 -27.25
N THR B 532 -13.74 -11.11 -26.02
CA THR B 532 -15.08 -10.53 -25.85
C THR B 532 -14.96 -9.10 -26.35
N VAL B 533 -16.09 -8.46 -26.71
CA VAL B 533 -16.06 -7.07 -27.16
C VAL B 533 -15.35 -6.15 -26.12
N ASP B 534 -15.71 -6.36 -24.83
CA ASP B 534 -15.18 -5.64 -23.68
C ASP B 534 -13.65 -5.80 -23.51
N SER B 535 -13.11 -7.00 -23.68
CA SER B 535 -11.66 -7.19 -23.59
C SER B 535 -10.91 -6.82 -24.88
N SER B 536 -11.63 -6.65 -26.00
CA SER B 536 -11.03 -6.24 -27.26
C SER B 536 -10.74 -4.72 -27.29
N GLN B 537 -11.42 -3.89 -26.42
CA GLN B 537 -11.25 -2.43 -26.35
C GLN B 537 -9.78 -2.06 -26.15
N GLY B 538 -9.29 -1.14 -26.97
CA GLY B 538 -7.90 -0.72 -26.92
C GLY B 538 -6.97 -1.46 -27.88
N SER B 539 -7.36 -2.69 -28.28
CA SER B 539 -6.59 -3.55 -29.21
C SER B 539 -7.08 -3.44 -30.67
N GLU B 540 -6.20 -3.82 -31.63
CA GLU B 540 -6.53 -3.83 -33.05
C GLU B 540 -6.01 -5.11 -33.71
N TYR B 541 -6.72 -5.60 -34.72
CA TYR B 541 -6.42 -6.85 -35.45
C TYR B 541 -6.76 -6.64 -36.94
N ASP B 542 -5.97 -7.24 -37.88
CA ASP B 542 -6.24 -7.11 -39.32
C ASP B 542 -7.65 -7.58 -39.70
N TYR B 543 -8.02 -8.76 -39.23
CA TYR B 543 -9.29 -9.33 -39.54
C TYR B 543 -10.02 -9.65 -38.26
N VAL B 544 -11.32 -9.38 -38.28
CA VAL B 544 -12.16 -9.59 -37.12
C VAL B 544 -13.39 -10.36 -37.59
N ILE B 545 -13.73 -11.42 -36.89
CA ILE B 545 -14.96 -12.15 -37.15
C ILE B 545 -15.80 -11.94 -35.93
N PHE B 546 -16.96 -11.37 -36.12
CA PHE B 546 -17.86 -11.03 -35.04
C PHE B 546 -19.18 -11.76 -35.21
N THR B 547 -19.64 -12.53 -34.18
CA THR B 547 -20.97 -13.15 -34.19
C THR B 547 -21.78 -12.44 -33.07
N GLN B 548 -22.86 -11.75 -33.41
CA GLN B 548 -23.67 -11.02 -32.44
C GLN B 548 -24.32 -11.91 -31.35
N THR B 549 -24.44 -13.25 -31.61
CA THR B 549 -24.97 -14.29 -30.70
C THR B 549 -26.50 -14.16 -30.40
N THR B 550 -26.93 -13.04 -29.79
CA THR B 550 -28.33 -12.78 -29.43
C THR B 550 -28.79 -11.39 -29.96
N GLU B 551 -30.09 -11.09 -29.79
CA GLU B 551 -30.66 -9.79 -30.10
C GLU B 551 -30.98 -9.07 -28.77
N THR B 552 -30.23 -9.33 -27.67
CA THR B 552 -30.44 -8.71 -26.36
C THR B 552 -30.08 -7.20 -26.33
N ALA B 553 -30.33 -6.51 -25.21
CA ALA B 553 -29.92 -5.12 -25.05
C ALA B 553 -28.36 -5.05 -24.89
N HIS B 554 -27.72 -6.13 -24.39
CA HIS B 554 -26.27 -6.23 -24.20
C HIS B 554 -25.57 -6.37 -25.57
N SER B 555 -26.01 -7.32 -26.38
CA SER B 555 -25.44 -7.53 -27.70
C SER B 555 -25.85 -6.44 -28.70
N CYS B 556 -26.88 -5.61 -28.38
CA CYS B 556 -27.28 -4.52 -29.26
C CYS B 556 -26.78 -3.17 -28.81
N ASN B 557 -26.11 -3.06 -27.65
CA ASN B 557 -25.61 -1.78 -27.16
C ASN B 557 -24.68 -1.14 -28.19
N VAL B 558 -25.00 0.10 -28.62
CA VAL B 558 -24.26 0.76 -29.68
C VAL B 558 -22.82 1.03 -29.33
N ASN B 559 -22.49 1.20 -28.04
CA ASN B 559 -21.09 1.42 -27.64
C ASN B 559 -20.27 0.15 -27.77
N ARG B 560 -20.86 -0.99 -27.44
CA ARG B 560 -20.23 -2.27 -27.59
C ARG B 560 -20.13 -2.59 -29.11
N PHE B 561 -21.19 -2.28 -29.88
CA PHE B 561 -21.17 -2.52 -31.33
C PHE B 561 -20.06 -1.73 -32.01
N ASN B 562 -19.88 -0.49 -31.55
CA ASN B 562 -18.86 0.45 -31.99
C ASN B 562 -17.46 -0.15 -31.72
N VAL B 563 -17.22 -0.65 -30.48
CA VAL B 563 -15.93 -1.25 -30.11
C VAL B 563 -15.65 -2.50 -30.95
N ALA B 564 -16.64 -3.38 -31.07
CA ALA B 564 -16.51 -4.61 -31.86
C ALA B 564 -16.04 -4.39 -33.30
N ILE B 565 -16.71 -3.52 -34.06
CA ILE B 565 -16.37 -3.36 -35.47
C ILE B 565 -15.17 -2.47 -35.71
N THR B 566 -14.82 -1.59 -34.76
CA THR B 566 -13.66 -0.70 -34.91
C THR B 566 -12.33 -1.35 -34.47
N ARG B 567 -12.30 -2.69 -34.28
CA ARG B 567 -11.10 -3.44 -33.93
C ARG B 567 -10.29 -3.81 -35.19
N ALA B 568 -10.98 -3.91 -36.34
CA ALA B 568 -10.44 -4.33 -37.66
C ALA B 568 -9.65 -3.26 -38.41
N LYS B 569 -8.47 -3.68 -38.91
CA LYS B 569 -7.59 -2.85 -39.73
C LYS B 569 -7.91 -3.08 -41.23
N VAL B 570 -8.18 -4.33 -41.62
CA VAL B 570 -8.40 -4.67 -43.01
C VAL B 570 -9.81 -5.19 -43.33
N GLY B 571 -10.29 -6.14 -42.56
CA GLY B 571 -11.59 -6.74 -42.83
C GLY B 571 -12.33 -7.23 -41.63
N ILE B 572 -13.65 -7.29 -41.78
CA ILE B 572 -14.55 -7.77 -40.75
C ILE B 572 -15.72 -8.57 -41.36
N LEU B 573 -16.13 -9.63 -40.69
CA LEU B 573 -17.29 -10.39 -41.07
C LEU B 573 -18.19 -10.28 -39.84
N CYS B 574 -19.41 -9.73 -40.00
CA CYS B 574 -20.36 -9.63 -38.92
C CYS B 574 -21.55 -10.56 -39.17
N ILE B 575 -21.77 -11.57 -38.30
CA ILE B 575 -22.95 -12.44 -38.38
C ILE B 575 -23.87 -11.80 -37.35
N MET B 576 -24.97 -11.18 -37.82
CA MET B 576 -25.90 -10.40 -37.02
C MET B 576 -27.23 -11.08 -36.68
N SER B 577 -27.78 -10.71 -35.53
CA SER B 577 -29.07 -11.15 -35.01
C SER B 577 -30.10 -10.02 -35.08
N ASP B 578 -29.66 -8.77 -34.86
CA ASP B 578 -30.46 -7.58 -34.86
C ASP B 578 -30.61 -7.01 -36.26
N ARG B 579 -31.88 -6.86 -36.75
CA ARG B 579 -32.16 -6.26 -38.06
C ARG B 579 -31.70 -4.82 -38.08
N ASP B 580 -31.95 -4.08 -36.99
CA ASP B 580 -31.54 -2.68 -36.78
C ASP B 580 -30.03 -2.44 -37.09
N LEU B 581 -29.08 -3.07 -36.33
CA LEU B 581 -27.64 -2.90 -36.55
C LEU B 581 -27.16 -3.57 -37.85
N TYR B 582 -27.85 -4.62 -38.34
CA TYR B 582 -27.47 -5.24 -39.59
C TYR B 582 -27.72 -4.23 -40.74
N ASP B 583 -28.86 -3.52 -40.71
CA ASP B 583 -29.24 -2.52 -41.70
C ASP B 583 -28.30 -1.31 -41.64
N LYS B 584 -27.84 -0.93 -40.42
CA LYS B 584 -26.89 0.17 -40.22
C LYS B 584 -25.48 -0.16 -40.72
N LEU B 585 -25.06 -1.46 -40.74
CA LEU B 585 -23.72 -1.83 -41.24
C LEU B 585 -23.58 -1.51 -42.74
N GLN B 586 -22.54 -0.71 -43.12
CA GLN B 586 -22.27 -0.35 -44.51
C GLN B 586 -21.24 -1.31 -45.06
N PHE B 587 -21.56 -2.58 -44.97
CA PHE B 587 -20.73 -3.70 -45.41
C PHE B 587 -21.43 -4.38 -46.58
N THR B 588 -20.67 -5.18 -47.34
CA THR B 588 -21.19 -5.98 -48.44
C THR B 588 -22.02 -7.11 -47.81
N SER B 589 -23.32 -7.25 -48.14
CA SER B 589 -24.12 -8.35 -47.59
C SER B 589 -23.76 -9.72 -48.23
N LEU B 590 -23.77 -10.81 -47.45
CA LEU B 590 -23.48 -12.16 -47.96
C LEU B 590 -24.76 -13.02 -47.84
N GLU B 591 -24.86 -14.09 -48.65
CA GLU B 591 -26.01 -14.98 -48.60
C GLU B 591 -25.77 -16.17 -47.61
N ILE B 592 -26.85 -16.67 -46.96
CA ILE B 592 -26.82 -17.79 -45.99
C ILE B 592 -26.79 -19.14 -46.70
N PRO B 593 -25.69 -19.91 -46.57
CA PRO B 593 -25.64 -21.22 -47.24
C PRO B 593 -26.47 -22.32 -46.55
#